data_4QF9
#
_entry.id   4QF9
#
_cell.length_a   117.265
_cell.length_b   86.802
_cell.length_c   78.282
_cell.angle_alpha   90.000
_cell.angle_beta   111.620
_cell.angle_gamma   90.000
#
_symmetry.space_group_name_H-M   'C 1 2 1'
#
loop_
_entity.id
_entity.type
_entity.pdbx_description
1 polymer 'Glutamate receptor ionotropic, kainate 1'
2 non-polymer '(2S)-2-amino-4-(2,3-dioxo-1,2,3,4-tetrahydroquinoxalin-6-yl)butanoic acid'
3 non-polymer 'SULFATE ION'
4 non-polymer 'TETRAETHYLENE GLYCOL'
5 non-polymer 'CHLORIDE ION'
6 non-polymer GLYCEROL
7 non-polymer 'ACETATE ION'
8 water water
#
_entity_poly.entity_id   1
_entity_poly.type   'polypeptide(L)'
_entity_poly.pdbx_seq_one_letter_code
;GANRTLIVTTILEEPYVMYRKSDKPLYGNDRFEGYCLDLLKELSNILGFLYDVKLVPDGKYGAQNDKGEWNGMVKELIDH
RADLAVAPLTITYVREKVIDFSKPFMTLGISILYRKGTPIDSADDLAKQTKIEYGAVRDGSTMTFFKKSKISTYEKMWAF
MSSRQQSALVKNSDEGIQRVLTTDYALLMESTSIEYVTQRNCNLTQIGGLIDSKGYGVGTPIGSPYRDKITIAILQLQEE
GKLHMMKEKWWRGNGCP
;
_entity_poly.pdbx_strand_id   A,B,C
#
# COMPACT_ATOMS: atom_id res chain seq x y z
N THR A 5 6.99 27.90 37.15
CA THR A 5 7.84 27.95 35.97
C THR A 5 8.00 26.58 35.34
N LEU A 6 7.46 26.40 34.14
CA LEU A 6 7.56 25.14 33.43
C LEU A 6 8.96 24.92 32.89
N ILE A 7 9.40 23.67 32.88
CA ILE A 7 10.66 23.31 32.24
C ILE A 7 10.39 22.82 30.83
N VAL A 8 10.93 23.53 29.85
CA VAL A 8 10.69 23.20 28.45
C VAL A 8 11.94 22.61 27.81
N THR A 9 11.93 21.31 27.57
CA THR A 9 13.04 20.66 26.91
C THR A 9 12.94 20.89 25.40
N THR A 10 14.09 21.12 24.77
CA THR A 10 14.13 21.40 23.34
C THR A 10 15.49 21.04 22.77
N ILE A 11 15.66 21.24 21.47
CA ILE A 11 16.91 20.89 20.81
C ILE A 11 17.25 21.89 19.70
N LEU A 12 18.54 22.16 19.54
CA LEU A 12 19.01 23.04 18.48
C LEU A 12 18.74 22.44 17.11
N GLU A 13 17.96 23.14 16.31
CA GLU A 13 17.59 22.67 14.98
C GLU A 13 17.07 23.84 14.15
N GLU A 14 17.86 24.27 13.17
CA GLU A 14 17.47 25.37 12.28
C GLU A 14 16.27 24.98 11.44
N PRO A 15 15.26 25.87 11.35
CA PRO A 15 15.18 27.17 12.03
C PRO A 15 14.25 27.14 13.23
N TYR A 16 14.05 25.96 13.82
CA TYR A 16 13.13 25.83 14.95
C TYR A 16 13.71 26.43 16.23
N VAL A 17 14.91 25.99 16.59
CA VAL A 17 15.60 26.50 17.78
C VAL A 17 17.06 26.79 17.45
N MET A 18 17.47 28.05 17.60
CA MET A 18 18.81 28.47 17.25
C MET A 18 19.38 29.40 18.31
N TYR A 19 20.71 29.40 18.45
CA TYR A 19 21.37 30.38 19.31
C TYR A 19 21.17 31.78 18.73
N ARG A 20 20.83 32.73 19.60
CA ARG A 20 20.60 34.10 19.17
C ARG A 20 21.91 34.85 18.96
N LYS A 21 22.04 35.53 17.84
CA LYS A 21 23.25 36.29 17.53
C LYS A 21 23.49 37.38 18.57
N SER A 22 24.72 37.47 19.05
CA SER A 22 25.06 38.45 20.08
C SER A 22 26.56 38.76 20.09
N ASP A 23 26.89 39.95 20.58
CA ASP A 23 28.28 40.37 20.72
C ASP A 23 28.69 40.27 22.18
N LYS A 24 27.72 39.94 23.02
CA LYS A 24 27.91 39.82 24.46
C LYS A 24 27.18 38.56 24.90
N PRO A 25 27.73 37.84 25.88
CA PRO A 25 27.07 36.63 26.41
C PRO A 25 25.60 36.88 26.79
N LEU A 26 24.74 35.96 26.40
CA LEU A 26 23.33 36.02 26.78
C LEU A 26 23.02 34.93 27.79
N TYR A 27 21.92 35.08 28.53
CA TYR A 27 21.55 34.13 29.56
C TYR A 27 20.07 33.79 29.46
N GLY A 28 19.69 32.64 30.00
CA GLY A 28 18.30 32.23 30.03
C GLY A 28 17.68 32.04 28.66
N ASN A 29 16.38 32.32 28.57
CA ASN A 29 15.63 32.12 27.34
C ASN A 29 16.09 33.03 26.20
N ASP A 30 16.75 34.13 26.55
CA ASP A 30 17.21 35.10 25.56
C ASP A 30 18.36 34.54 24.70
N ARG A 31 18.89 33.39 25.10
CA ARG A 31 19.95 32.73 24.36
C ARG A 31 19.42 32.13 23.06
N PHE A 32 18.11 31.93 22.99
CA PHE A 32 17.52 31.18 21.88
C PHE A 32 16.51 31.97 21.07
N GLU A 33 16.34 31.57 19.81
CA GLU A 33 15.34 32.16 18.93
C GLU A 33 14.94 31.14 17.86
N GLY A 34 13.85 31.41 17.17
CA GLY A 34 13.37 30.53 16.11
C GLY A 34 11.88 30.28 16.15
N TYR A 35 11.41 29.44 15.24
CA TYR A 35 10.00 29.11 15.12
C TYR A 35 9.41 28.60 16.43
N CYS A 36 10.13 27.71 17.09
CA CYS A 36 9.64 27.07 18.31
C CYS A 36 9.57 28.01 19.51
N LEU A 37 10.48 29.00 19.55
CA LEU A 37 10.47 29.99 20.61
C LEU A 37 9.28 30.93 20.44
N ASP A 38 9.00 31.30 19.20
CA ASP A 38 7.84 32.12 18.88
C ASP A 38 6.56 31.38 19.24
N LEU A 39 6.53 30.09 18.91
CA LEU A 39 5.41 29.24 19.26
C LEU A 39 5.24 29.18 20.77
N LEU A 40 6.35 28.95 21.47
CA LEU A 40 6.34 28.84 22.92
C LEU A 40 5.86 30.12 23.60
N LYS A 41 6.33 31.27 23.10
CA LYS A 41 5.90 32.56 23.62
C LYS A 41 4.38 32.72 23.52
N GLU A 42 3.83 32.36 22.38
CA GLU A 42 2.39 32.41 22.16
C GLU A 42 1.65 31.47 23.11
N LEU A 43 2.21 30.29 23.31
CA LEU A 43 1.62 29.30 24.21
C LEU A 43 1.55 29.80 25.64
N SER A 44 2.59 30.51 26.07
CA SER A 44 2.66 31.03 27.43
C SER A 44 1.68 32.18 27.63
N ASN A 45 1.37 32.89 26.55
CA ASN A 45 0.43 34.00 26.62
C ASN A 45 -1.01 33.52 26.65
N ILE A 46 -1.32 32.55 25.81
CA ILE A 46 -2.67 32.00 25.72
C ILE A 46 -3.02 31.20 26.98
N LEU A 47 -2.06 30.39 27.44
CA LEU A 47 -2.31 29.46 28.54
C LEU A 47 -1.86 30.02 29.89
N GLY A 48 -1.10 31.11 29.87
CA GLY A 48 -0.68 31.76 31.09
C GLY A 48 0.28 30.96 31.94
N PHE A 49 1.53 30.85 31.51
CA PHE A 49 2.55 30.18 32.31
C PHE A 49 3.95 30.75 32.11
N LEU A 50 4.78 30.62 33.14
CA LEU A 50 6.19 30.95 33.04
C LEU A 50 6.93 29.71 32.59
N TYR A 51 8.06 29.90 31.90
CA TYR A 51 8.80 28.77 31.35
C TYR A 51 10.29 29.04 31.28
N ASP A 52 11.07 27.98 31.46
CA ASP A 52 12.52 28.06 31.29
C ASP A 52 12.99 27.04 30.26
N VAL A 53 13.65 27.52 29.22
CA VAL A 53 14.11 26.68 28.13
C VAL A 53 15.41 25.98 28.51
N LYS A 54 15.41 24.65 28.45
CA LYS A 54 16.60 23.86 28.72
C LYS A 54 16.87 22.90 27.57
N LEU A 55 18.01 23.07 26.90
CA LEU A 55 18.41 22.18 25.82
C LEU A 55 18.60 20.77 26.35
N VAL A 56 18.10 19.78 25.63
CA VAL A 56 18.29 18.39 26.03
C VAL A 56 19.79 18.09 26.08
N PRO A 57 20.27 17.66 27.26
CA PRO A 57 21.70 17.47 27.51
C PRO A 57 22.39 16.52 26.53
N ASP A 58 21.76 15.40 26.18
CA ASP A 58 22.38 14.44 25.26
C ASP A 58 22.19 14.81 23.80
N GLY A 59 21.45 15.89 23.55
CA GLY A 59 21.24 16.41 22.21
C GLY A 59 20.48 15.47 21.28
N LYS A 60 19.63 14.63 21.83
CA LYS A 60 18.85 13.70 21.02
C LYS A 60 17.34 13.90 21.20
N TYR A 61 16.59 13.50 20.17
CA TYR A 61 15.13 13.65 20.19
C TYR A 61 14.48 12.59 21.07
N GLY A 62 14.98 11.36 20.97
CA GLY A 62 14.46 10.28 21.79
C GLY A 62 14.30 8.98 21.03
N ALA A 63 15.03 7.95 21.46
CA ALA A 63 14.96 6.63 20.86
C ALA A 63 15.16 5.55 21.92
N GLN A 64 14.85 4.31 21.57
CA GLN A 64 15.06 3.18 22.45
C GLN A 64 16.41 2.53 22.15
N ASN A 65 17.10 2.09 23.20
CA ASN A 65 18.37 1.40 23.01
C ASN A 65 18.19 -0.12 22.96
N ASP A 66 19.30 -0.84 22.92
CA ASP A 66 19.28 -2.29 22.87
C ASP A 66 18.62 -2.86 24.13
N LYS A 67 18.86 -2.23 25.26
CA LYS A 67 18.30 -2.66 26.53
C LYS A 67 16.85 -2.17 26.71
N GLY A 68 16.39 -1.37 25.76
CA GLY A 68 15.00 -0.92 25.75
C GLY A 68 14.73 0.38 26.49
N GLU A 69 15.80 1.07 26.89
CA GLU A 69 15.65 2.34 27.59
C GLU A 69 15.60 3.54 26.66
N TRP A 70 14.93 4.60 27.09
CA TRP A 70 14.76 5.81 26.29
C TRP A 70 15.83 6.85 26.59
N ASN A 71 16.12 7.69 25.61
CA ASN A 71 17.02 8.83 25.80
C ASN A 71 16.40 10.12 25.27
N GLY A 72 17.18 11.19 25.27
CA GLY A 72 16.76 12.45 24.67
C GLY A 72 15.58 13.14 25.33
N MET A 73 14.89 13.96 24.55
CA MET A 73 13.76 14.73 25.05
C MET A 73 12.62 13.86 25.56
N VAL A 74 12.42 12.72 24.91
CA VAL A 74 11.41 11.76 25.33
C VAL A 74 11.67 11.31 26.76
N LYS A 75 12.93 11.00 27.05
CA LYS A 75 13.32 10.52 28.38
C LYS A 75 13.14 11.60 29.45
N GLU A 76 13.40 12.84 29.09
CA GLU A 76 13.26 13.95 30.02
C GLU A 76 11.80 14.13 30.44
N LEU A 77 10.88 13.86 29.52
CA LEU A 77 9.45 13.92 29.81
C LEU A 77 9.03 12.75 30.69
N ILE A 78 9.45 11.56 30.32
CA ILE A 78 9.16 10.34 31.07
C ILE A 78 9.60 10.46 32.54
N ASP A 79 10.81 10.96 32.74
CA ASP A 79 11.35 11.11 34.08
C ASP A 79 10.84 12.39 34.77
N HIS A 80 9.91 13.08 34.11
CA HIS A 80 9.32 14.31 34.63
C HIS A 80 10.35 15.39 34.94
N ARG A 81 11.43 15.45 34.16
CA ARG A 81 12.43 16.51 34.33
C ARG A 81 12.13 17.67 33.38
N ALA A 82 11.06 17.52 32.61
CA ALA A 82 10.58 18.58 31.73
C ALA A 82 9.07 18.51 31.61
N ASP A 83 8.41 19.66 31.61
CA ASP A 83 6.96 19.70 31.51
C ASP A 83 6.52 19.62 30.04
N LEU A 84 7.21 20.36 29.18
CA LEU A 84 6.87 20.40 27.76
C LEU A 84 8.08 20.13 26.88
N ALA A 85 7.84 19.49 25.74
CA ALA A 85 8.85 19.34 24.72
C ALA A 85 8.43 20.14 23.50
N VAL A 86 8.93 21.36 23.40
CA VAL A 86 8.59 22.22 22.27
C VAL A 86 9.70 22.22 21.24
N ALA A 87 9.56 21.35 20.24
CA ALA A 87 10.57 21.15 19.23
C ALA A 87 9.94 20.36 18.10
N PRO A 88 10.58 20.33 16.92
CA PRO A 88 10.05 19.46 15.86
C PRO A 88 10.16 17.99 16.23
N LEU A 89 9.38 17.56 17.22
CA LEU A 89 9.38 16.19 17.69
C LEU A 89 8.36 15.36 16.91
N THR A 90 8.84 14.39 16.16
CA THR A 90 7.99 13.59 15.28
C THR A 90 7.03 12.71 16.06
N ILE A 91 5.75 12.77 15.71
CA ILE A 91 4.74 11.92 16.32
C ILE A 91 4.81 10.52 15.72
N THR A 92 5.33 9.57 16.50
CA THR A 92 5.46 8.20 16.03
C THR A 92 4.79 7.20 16.96
N TYR A 93 4.57 6.00 16.44
CA TYR A 93 3.87 4.94 17.17
C TYR A 93 4.56 4.57 18.47
N VAL A 94 5.87 4.38 18.41
CA VAL A 94 6.64 3.96 19.59
C VAL A 94 6.67 5.01 20.69
N ARG A 95 6.71 6.28 20.30
CA ARG A 95 6.76 7.37 21.28
C ARG A 95 5.40 7.63 21.94
N GLU A 96 4.34 7.34 21.20
CA GLU A 96 2.98 7.52 21.71
C GLU A 96 2.66 6.58 22.87
N LYS A 97 3.53 5.59 23.08
CA LYS A 97 3.33 4.62 24.16
C LYS A 97 3.95 5.10 25.47
N VAL A 98 4.87 6.06 25.39
CA VAL A 98 5.58 6.53 26.58
C VAL A 98 5.37 8.01 26.89
N ILE A 99 4.96 8.79 25.89
CA ILE A 99 4.63 10.20 26.11
C ILE A 99 3.35 10.60 25.39
N ASP A 100 2.82 11.78 25.72
CA ASP A 100 1.66 12.32 25.04
C ASP A 100 2.05 13.40 24.04
N PHE A 101 1.29 13.50 22.96
CA PHE A 101 1.50 14.54 21.96
C PHE A 101 0.26 15.41 21.82
N SER A 102 0.48 16.70 21.59
CA SER A 102 -0.62 17.60 21.26
C SER A 102 -0.96 17.39 19.79
N LYS A 103 -1.92 18.16 19.29
CA LYS A 103 -2.17 18.19 17.86
C LYS A 103 -0.92 18.72 17.17
N PRO A 104 -0.53 18.10 16.05
CA PRO A 104 0.65 18.56 15.31
C PRO A 104 0.53 20.03 14.89
N PHE A 105 1.57 20.82 15.17
CA PHE A 105 1.59 22.21 14.74
C PHE A 105 2.16 22.32 13.33
N MET A 106 2.62 21.19 12.80
CA MET A 106 3.20 21.17 11.46
C MET A 106 3.08 19.78 10.83
N THR A 107 2.69 19.73 9.57
CA THR A 107 2.59 18.46 8.85
C THR A 107 3.64 18.41 7.74
N LEU A 108 4.11 17.20 7.43
CA LEU A 108 5.18 17.04 6.45
C LEU A 108 5.34 15.60 5.96
N GLY A 109 6.37 15.36 5.16
CA GLY A 109 6.67 14.03 4.65
C GLY A 109 7.97 13.98 3.88
N ILE A 110 8.41 12.77 3.55
CA ILE A 110 9.60 12.58 2.74
C ILE A 110 9.34 13.03 1.31
N SER A 111 10.26 13.81 0.75
CA SER A 111 10.16 14.24 -0.64
C SER A 111 11.53 14.37 -1.29
N ILE A 112 11.55 14.87 -2.51
CA ILE A 112 12.77 14.90 -3.31
C ILE A 112 13.33 16.29 -3.55
N LEU A 113 14.61 16.48 -3.23
CA LEU A 113 15.32 17.72 -3.56
C LEU A 113 16.19 17.51 -4.79
N TYR A 114 15.99 18.32 -5.81
CA TYR A 114 16.73 18.19 -7.06
C TYR A 114 16.72 19.54 -7.81
N ARG A 115 17.31 19.57 -9.00
CA ARG A 115 17.41 20.79 -9.79
CA ARG A 115 17.39 20.81 -9.76
C ARG A 115 16.13 21.07 -10.59
N LYS A 116 16.00 22.29 -11.09
CA LYS A 116 14.86 22.68 -11.91
C LYS A 116 15.07 22.35 -13.38
N GLY A 117 13.98 22.19 -14.11
CA GLY A 117 14.03 22.04 -15.55
C GLY A 117 14.33 20.65 -16.07
N THR A 118 14.53 19.69 -15.18
CA THR A 118 14.87 18.33 -15.57
C THR A 118 13.58 17.54 -15.84
N PRO A 119 13.68 16.47 -16.67
CA PRO A 119 12.49 15.68 -16.99
C PRO A 119 12.00 14.80 -15.84
N ILE A 120 12.78 14.67 -14.77
CA ILE A 120 12.39 13.82 -13.64
C ILE A 120 11.13 14.35 -12.95
N ASP A 121 10.15 13.48 -12.74
CA ASP A 121 8.85 13.88 -12.22
C ASP A 121 8.54 13.32 -10.84
N SER A 122 9.11 12.15 -10.52
CA SER A 122 8.76 11.46 -9.28
C SER A 122 9.83 10.49 -8.81
N ALA A 123 9.58 9.86 -7.67
CA ALA A 123 10.47 8.82 -7.16
C ALA A 123 10.54 7.67 -8.15
N ASP A 124 9.43 7.44 -8.84
CA ASP A 124 9.32 6.41 -9.87
C ASP A 124 10.41 6.61 -10.93
N ASP A 125 10.63 7.85 -11.32
CA ASP A 125 11.60 8.18 -12.36
C ASP A 125 13.05 8.00 -11.91
N LEU A 126 13.32 8.30 -10.64
CA LEU A 126 14.67 8.12 -10.11
C LEU A 126 15.05 6.65 -10.06
N ALA A 127 14.08 5.82 -9.70
CA ALA A 127 14.31 4.38 -9.52
C ALA A 127 14.61 3.63 -10.81
N LYS A 128 14.15 4.16 -11.94
CA LYS A 128 14.27 3.45 -13.22
C LYS A 128 15.56 3.75 -13.97
N GLN A 129 16.47 4.51 -13.34
CA GLN A 129 17.74 4.83 -13.97
C GLN A 129 18.88 4.88 -12.96
N THR A 130 20.11 4.86 -13.46
CA THR A 130 21.30 4.88 -12.61
C THR A 130 22.18 6.09 -12.86
N LYS A 131 21.85 6.86 -13.90
CA LYS A 131 22.62 8.04 -14.26
C LYS A 131 22.59 9.10 -13.16
N ILE A 132 21.40 9.55 -12.82
CA ILE A 132 21.24 10.52 -11.75
C ILE A 132 21.33 9.81 -10.40
N GLU A 133 22.37 10.14 -9.64
CA GLU A 133 22.57 9.53 -8.34
C GLU A 133 21.61 10.12 -7.32
N TYR A 134 21.17 9.30 -6.37
CA TYR A 134 20.24 9.76 -5.35
C TYR A 134 20.44 9.00 -4.05
N GLY A 135 20.19 9.67 -2.92
CA GLY A 135 20.30 9.04 -1.63
C GLY A 135 19.67 9.85 -0.52
N ALA A 136 20.09 9.60 0.72
CA ALA A 136 19.54 10.28 1.87
C ALA A 136 20.60 10.41 2.96
N VAL A 137 20.27 11.14 4.01
CA VAL A 137 21.15 11.27 5.17
C VAL A 137 21.25 9.92 5.86
N ARG A 138 22.49 9.49 6.12
CA ARG A 138 22.76 8.20 6.72
C ARG A 138 22.13 8.06 8.10
N ASP A 139 21.45 6.94 8.33
CA ASP A 139 20.85 6.61 9.62
C ASP A 139 19.77 7.58 10.10
N GLY A 140 19.30 8.43 9.21
CA GLY A 140 18.18 9.31 9.52
C GLY A 140 16.87 8.58 9.32
N SER A 141 15.76 9.24 9.62
CA SER A 141 14.44 8.62 9.51
C SER A 141 14.04 8.36 8.06
N THR A 142 14.61 9.13 7.15
CA THR A 142 14.33 8.96 5.72
C THR A 142 14.94 7.65 5.22
N MET A 143 16.20 7.43 5.58
CA MET A 143 16.91 6.21 5.21
C MET A 143 16.22 5.00 5.81
N THR A 144 15.78 5.13 7.05
CA THR A 144 15.07 4.06 7.75
C THR A 144 13.79 3.68 7.02
N PHE A 145 13.06 4.69 6.55
CA PHE A 145 11.83 4.48 5.79
C PHE A 145 12.06 3.59 4.57
N PHE A 146 13.03 3.97 3.75
CA PHE A 146 13.37 3.20 2.56
C PHE A 146 13.92 1.83 2.90
N LYS A 147 14.56 1.72 4.06
CA LYS A 147 15.16 0.47 4.50
C LYS A 147 14.10 -0.56 4.87
N LYS A 148 12.98 -0.08 5.39
CA LYS A 148 11.92 -0.95 5.88
C LYS A 148 10.76 -1.07 4.89
N SER A 149 10.79 -0.25 3.85
CA SER A 149 9.69 -0.17 2.90
C SER A 149 9.50 -1.44 2.08
N LYS A 150 8.25 -1.85 1.91
CA LYS A 150 7.92 -3.01 1.10
C LYS A 150 7.32 -2.58 -0.24
N ILE A 151 7.25 -1.27 -0.44
CA ILE A 151 6.82 -0.72 -1.72
C ILE A 151 7.89 -1.03 -2.77
N SER A 152 7.47 -1.54 -3.92
CA SER A 152 8.40 -1.99 -4.95
C SER A 152 9.32 -0.87 -5.44
N THR A 153 8.76 0.31 -5.66
CA THR A 153 9.53 1.46 -6.11
C THR A 153 10.60 1.84 -5.08
N TYR A 154 10.23 1.80 -3.81
CA TYR A 154 11.13 2.21 -2.74
C TYR A 154 12.10 1.09 -2.34
N GLU A 155 11.77 -0.13 -2.73
CA GLU A 155 12.69 -1.26 -2.57
C GLU A 155 13.83 -1.13 -3.56
N LYS A 156 13.50 -0.78 -4.80
CA LYS A 156 14.49 -0.56 -5.85
C LYS A 156 15.41 0.59 -5.50
N MET A 157 14.84 1.65 -4.93
CA MET A 157 15.61 2.82 -4.55
C MET A 157 16.57 2.49 -3.41
N TRP A 158 16.09 1.73 -2.43
CA TRP A 158 16.91 1.35 -1.29
C TRP A 158 18.08 0.46 -1.69
N ALA A 159 17.81 -0.50 -2.57
CA ALA A 159 18.84 -1.39 -3.07
C ALA A 159 19.94 -0.60 -3.77
N PHE A 160 19.54 0.47 -4.45
CA PHE A 160 20.49 1.35 -5.11
C PHE A 160 21.27 2.18 -4.09
N MET A 161 20.55 2.76 -3.13
CA MET A 161 21.16 3.61 -2.11
C MET A 161 22.25 2.88 -1.32
N SER A 162 21.99 1.63 -0.97
CA SER A 162 22.88 0.88 -0.10
C SER A 162 24.02 0.19 -0.86
N SER A 163 23.93 0.15 -2.18
CA SER A 163 24.95 -0.50 -2.99
C SER A 163 26.26 0.28 -2.98
N ARG A 164 27.34 -0.39 -3.34
CA ARG A 164 28.68 0.21 -3.42
C ARG A 164 29.05 0.92 -2.13
N GLN A 165 28.95 0.20 -1.01
CA GLN A 165 29.31 0.73 0.31
C GLN A 165 28.51 1.98 0.67
N GLN A 166 27.28 2.07 0.17
CA GLN A 166 26.37 3.18 0.47
C GLN A 166 26.93 4.54 0.08
N SER A 167 27.63 4.61 -1.04
CA SER A 167 28.27 5.85 -1.48
C SER A 167 27.25 6.94 -1.85
N ALA A 168 26.03 6.52 -2.15
CA ALA A 168 24.97 7.45 -2.53
C ALA A 168 24.46 8.26 -1.34
N LEU A 169 24.68 7.74 -0.14
CA LEU A 169 24.24 8.40 1.09
C LEU A 169 25.17 9.54 1.47
N VAL A 170 24.71 10.40 2.36
CA VAL A 170 25.52 11.52 2.85
C VAL A 170 25.55 11.55 4.39
N LYS A 171 26.43 12.38 4.93
CA LYS A 171 26.61 12.48 6.37
C LYS A 171 25.46 13.24 7.04
N ASN A 172 25.11 14.38 6.46
CA ASN A 172 24.02 15.20 7.00
C ASN A 172 23.33 16.01 5.90
N SER A 173 22.41 16.89 6.30
CA SER A 173 21.64 17.67 5.34
C SER A 173 22.53 18.68 4.60
N ASP A 174 23.39 19.38 5.35
CA ASP A 174 24.29 20.37 4.76
C ASP A 174 25.16 19.75 3.66
N GLU A 175 25.69 18.57 3.93
CA GLU A 175 26.49 17.85 2.94
C GLU A 175 25.63 17.41 1.77
N GLY A 176 24.42 16.96 2.06
CA GLY A 176 23.49 16.53 1.03
C GLY A 176 23.10 17.64 0.08
N ILE A 177 22.80 18.82 0.64
CA ILE A 177 22.43 19.99 -0.16
C ILE A 177 23.60 20.41 -1.05
N GLN A 178 24.80 20.43 -0.49
CA GLN A 178 26.00 20.76 -1.23
CA GLN A 178 26.00 20.77 -1.24
C GLN A 178 26.21 19.81 -2.41
N ARG A 179 25.92 18.53 -2.19
CA ARG A 179 26.09 17.51 -3.21
C ARG A 179 25.06 17.71 -4.34
N VAL A 180 23.88 18.17 -3.98
CA VAL A 180 22.84 18.45 -4.96
C VAL A 180 23.22 19.63 -5.85
N LEU A 181 23.80 20.65 -5.24
CA LEU A 181 24.20 21.85 -5.95
C LEU A 181 25.40 21.63 -6.87
N THR A 182 26.34 20.79 -6.42
CA THR A 182 27.61 20.61 -7.11
C THR A 182 27.56 19.50 -8.18
N THR A 183 26.88 18.42 -7.87
CA THR A 183 26.82 17.27 -8.77
C THR A 183 25.41 16.99 -9.29
N ASP A 184 25.28 15.95 -10.10
CA ASP A 184 23.98 15.51 -10.60
C ASP A 184 23.37 14.56 -9.59
N TYR A 185 22.76 15.13 -8.55
CA TYR A 185 22.35 14.34 -7.39
C TYR A 185 21.00 14.81 -6.81
N ALA A 186 20.14 13.84 -6.52
CA ALA A 186 18.84 14.14 -5.92
C ALA A 186 18.82 13.66 -4.47
N LEU A 187 18.46 14.56 -3.56
CA LEU A 187 18.46 14.23 -2.14
C LEU A 187 17.05 14.01 -1.60
N LEU A 188 16.89 12.94 -0.82
CA LEU A 188 15.61 12.64 -0.19
C LEU A 188 15.60 13.09 1.27
N MET A 189 14.69 13.99 1.61
CA MET A 189 14.56 14.46 2.98
C MET A 189 13.18 15.04 3.26
N GLU A 190 13.01 15.62 4.44
CA GLU A 190 11.71 16.15 4.84
C GLU A 190 11.34 17.38 4.02
N SER A 191 10.06 17.50 3.72
CA SER A 191 9.55 18.62 2.93
C SER A 191 9.80 19.96 3.61
N THR A 192 9.91 19.94 4.94
CA THR A 192 10.24 21.14 5.69
C THR A 192 11.66 21.61 5.38
N SER A 193 12.58 20.67 5.30
CA SER A 193 13.96 20.98 4.93
C SER A 193 14.04 21.48 3.50
N ILE A 194 13.36 20.76 2.60
CA ILE A 194 13.38 21.09 1.18
C ILE A 194 12.93 22.51 0.91
N GLU A 195 11.84 22.93 1.56
CA GLU A 195 11.34 24.28 1.38
C GLU A 195 12.31 25.32 1.95
N TYR A 196 12.93 24.99 3.07
CA TYR A 196 13.93 25.87 3.67
C TYR A 196 15.10 26.05 2.70
N VAL A 197 15.42 24.99 1.99
CA VAL A 197 16.52 25.01 1.02
C VAL A 197 16.12 25.73 -0.26
N THR A 198 14.96 25.38 -0.82
CA THR A 198 14.51 25.94 -2.09
C THR A 198 14.21 27.43 -2.00
N GLN A 199 13.88 27.90 -0.80
CA GLN A 199 13.67 29.33 -0.58
C GLN A 199 14.99 30.09 -0.57
N ARG A 200 16.09 29.37 -0.48
CA ARG A 200 17.41 29.98 -0.39
CA ARG A 200 17.40 30.00 -0.40
C ARG A 200 18.32 29.57 -1.55
N ASN A 201 17.75 28.84 -2.51
CA ASN A 201 18.47 28.44 -3.72
C ASN A 201 17.48 28.37 -4.88
N CYS A 202 17.50 29.37 -5.74
CA CYS A 202 16.46 29.55 -6.76
C CYS A 202 16.54 28.61 -7.96
N ASN A 203 17.56 27.76 -8.01
CA ASN A 203 17.64 26.77 -9.08
C ASN A 203 17.39 25.33 -8.60
N LEU A 204 17.00 25.22 -7.32
CA LEU A 204 16.59 23.93 -6.77
C LEU A 204 15.08 23.93 -6.57
N THR A 205 14.48 22.75 -6.57
CA THR A 205 13.05 22.63 -6.33
C THR A 205 12.69 21.27 -5.74
N GLN A 206 11.49 21.18 -5.19
CA GLN A 206 10.97 19.89 -4.75
C GLN A 206 10.45 19.12 -5.96
N ILE A 207 10.72 17.82 -6.00
CA ILE A 207 10.22 16.97 -7.07
C ILE A 207 9.18 16.01 -6.52
N GLY A 208 8.01 15.97 -7.17
CA GLY A 208 6.94 15.09 -6.76
C GLY A 208 6.27 15.55 -5.47
N GLY A 209 5.41 14.71 -4.92
CA GLY A 209 4.70 15.03 -3.70
C GLY A 209 5.35 14.38 -2.49
N LEU A 210 4.56 14.23 -1.42
CA LEU A 210 5.07 13.60 -0.20
C LEU A 210 5.02 12.08 -0.32
N ILE A 211 6.12 11.45 0.10
CA ILE A 211 6.26 9.99 0.00
C ILE A 211 5.62 9.30 1.19
N ASP A 212 5.72 9.93 2.36
CA ASP A 212 4.99 9.48 3.54
C ASP A 212 4.39 10.68 4.26
N SER A 213 3.75 10.44 5.40
CA SER A 213 3.17 11.54 6.16
C SER A 213 3.35 11.38 7.66
N LYS A 214 3.73 12.47 8.31
CA LYS A 214 3.78 12.53 9.77
C LYS A 214 3.68 13.98 10.24
N GLY A 215 3.71 14.19 11.54
CA GLY A 215 3.57 15.52 12.09
C GLY A 215 4.52 15.83 13.23
N TYR A 216 4.79 17.12 13.41
CA TYR A 216 5.57 17.60 14.54
C TYR A 216 4.61 18.12 15.60
N GLY A 217 4.75 17.60 16.83
CA GLY A 217 3.87 18.00 17.90
C GLY A 217 4.60 18.30 19.19
N VAL A 218 3.94 19.05 20.07
CA VAL A 218 4.48 19.31 21.40
C VAL A 218 4.29 18.08 22.28
N GLY A 219 5.38 17.60 22.86
CA GLY A 219 5.34 16.43 23.70
C GLY A 219 5.18 16.76 25.18
N THR A 220 4.34 15.98 25.85
CA THR A 220 4.16 16.12 27.30
C THR A 220 4.28 14.72 27.92
N PRO A 221 4.49 14.65 29.24
CA PRO A 221 4.43 13.33 29.88
C PRO A 221 3.01 12.77 29.79
N ILE A 222 2.87 11.46 29.88
CA ILE A 222 1.56 10.83 29.79
C ILE A 222 0.62 11.29 30.90
N GLY A 223 -0.61 11.66 30.51
CA GLY A 223 -1.62 12.05 31.48
C GLY A 223 -1.57 13.51 31.88
N SER A 224 -0.61 14.24 31.32
CA SER A 224 -0.44 15.66 31.62
C SER A 224 -1.66 16.47 31.22
N PRO A 225 -2.05 17.43 32.08
CA PRO A 225 -3.18 18.34 31.76
C PRO A 225 -2.80 19.31 30.66
N TYR A 226 -1.50 19.55 30.48
CA TYR A 226 -1.03 20.50 29.47
C TYR A 226 -1.25 20.02 28.05
N ARG A 227 -1.42 18.71 27.87
CA ARG A 227 -1.63 18.13 26.55
C ARG A 227 -2.85 18.73 25.85
N ASP A 228 -4.01 18.67 26.51
CA ASP A 228 -5.24 19.20 25.95
C ASP A 228 -5.19 20.73 25.84
N LYS A 229 -4.56 21.37 26.81
CA LYS A 229 -4.49 22.82 26.85
C LYS A 229 -3.66 23.40 25.72
N ILE A 230 -2.61 22.68 25.32
CA ILE A 230 -1.76 23.11 24.22
C ILE A 230 -2.45 22.89 22.87
N THR A 231 -3.15 21.76 22.75
CA THR A 231 -3.93 21.47 21.55
C THR A 231 -4.93 22.59 21.27
N ILE A 232 -5.63 23.01 22.32
CA ILE A 232 -6.56 24.14 22.23
C ILE A 232 -5.86 25.40 21.73
N ALA A 233 -4.72 25.71 22.33
CA ALA A 233 -3.93 26.88 21.96
C ALA A 233 -3.46 26.81 20.51
N ILE A 234 -2.98 25.65 20.10
CA ILE A 234 -2.50 25.44 18.74
C ILE A 234 -3.63 25.62 17.72
N LEU A 235 -4.80 25.09 18.05
CA LEU A 235 -5.99 25.26 17.22
C LEU A 235 -6.32 26.74 17.04
N GLN A 236 -6.25 27.49 18.13
CA GLN A 236 -6.49 28.94 18.09
C GLN A 236 -5.47 29.65 17.20
N LEU A 237 -4.20 29.30 17.39
CA LEU A 237 -3.12 29.90 16.60
C LEU A 237 -3.26 29.55 15.12
N GLN A 238 -3.74 28.34 14.84
CA GLN A 238 -3.95 27.89 13.48
C GLN A 238 -5.08 28.68 12.83
N GLU A 239 -6.15 28.89 13.60
CA GLU A 239 -7.32 29.62 13.13
C GLU A 239 -7.01 31.08 12.84
N GLU A 240 -6.13 31.67 13.64
CA GLU A 240 -5.72 33.06 13.45
C GLU A 240 -4.78 33.24 12.27
N GLY A 241 -4.23 32.13 11.79
CA GLY A 241 -3.27 32.17 10.69
C GLY A 241 -1.87 32.50 11.20
N LYS A 242 -1.70 32.45 12.51
CA LYS A 242 -0.41 32.78 13.12
C LYS A 242 0.64 31.70 12.89
N LEU A 243 0.22 30.45 12.85
CA LEU A 243 1.14 29.34 12.58
C LEU A 243 1.72 29.43 11.17
N HIS A 244 0.88 29.83 10.22
CA HIS A 244 1.34 30.04 8.85
C HIS A 244 2.25 31.25 8.79
N MET A 245 1.91 32.28 9.58
CA MET A 245 2.72 33.48 9.67
C MET A 245 4.10 33.14 10.22
N MET A 246 4.13 32.35 11.29
CA MET A 246 5.39 31.99 11.94
C MET A 246 6.29 31.20 11.01
N LYS A 247 5.71 30.27 10.25
CA LYS A 247 6.48 29.46 9.33
C LYS A 247 7.06 30.34 8.22
N GLU A 248 6.24 31.25 7.70
CA GLU A 248 6.67 32.18 6.66
C GLU A 248 7.85 33.02 7.11
N LYS A 249 7.80 33.49 8.35
CA LYS A 249 8.84 34.35 8.90
C LYS A 249 10.20 33.68 8.93
N TRP A 250 10.23 32.40 9.30
CA TRP A 250 11.49 31.70 9.49
C TRP A 250 11.93 30.89 8.27
N TRP A 251 11.01 30.62 7.35
CA TRP A 251 11.34 29.80 6.19
C TRP A 251 11.73 30.59 4.95
N ARG A 252 11.22 31.81 4.79
CA ARG A 252 11.51 32.61 3.61
C ARG A 252 13.00 32.95 3.52
N GLY A 253 13.52 32.94 2.29
CA GLY A 253 14.92 33.22 2.06
C GLY A 253 15.20 34.70 1.92
N ASN A 254 15.08 35.19 0.69
CA ASN A 254 15.32 36.61 0.41
C ASN A 254 14.64 37.05 -0.88
N ASN B 3 -12.44 -0.19 -12.90
CA ASN B 3 -11.62 -1.36 -13.15
C ASN B 3 -10.66 -1.65 -12.01
N ARG B 4 -11.12 -1.43 -10.78
CA ARG B 4 -10.29 -1.64 -9.60
C ARG B 4 -10.24 -3.12 -9.20
N THR B 5 -11.11 -3.92 -9.80
CA THR B 5 -11.17 -5.34 -9.49
C THR B 5 -10.47 -6.18 -10.56
N LEU B 6 -9.49 -6.97 -10.14
CA LEU B 6 -8.75 -7.83 -11.05
C LEU B 6 -9.56 -9.07 -11.41
N ILE B 7 -9.62 -9.39 -12.70
CA ILE B 7 -10.30 -10.59 -13.15
C ILE B 7 -9.34 -11.78 -13.07
N VAL B 8 -9.70 -12.78 -12.27
CA VAL B 8 -8.89 -13.96 -12.13
C VAL B 8 -9.49 -15.14 -12.89
N THR B 9 -8.84 -15.53 -13.99
CA THR B 9 -9.29 -16.70 -14.74
C THR B 9 -8.84 -17.97 -14.03
N THR B 10 -9.67 -19.01 -14.11
CA THR B 10 -9.37 -20.27 -13.44
C THR B 10 -10.14 -21.41 -14.10
N ILE B 11 -9.98 -22.61 -13.55
CA ILE B 11 -10.60 -23.80 -14.11
C ILE B 11 -10.93 -24.80 -13.01
N LEU B 12 -12.05 -25.51 -13.16
CA LEU B 12 -12.44 -26.53 -12.20
C LEU B 12 -11.43 -27.67 -12.16
N GLU B 13 -10.78 -27.84 -11.02
CA GLU B 13 -9.79 -28.90 -10.83
C GLU B 13 -9.64 -29.20 -9.34
N GLU B 14 -9.90 -30.45 -8.97
CA GLU B 14 -9.85 -30.87 -7.58
C GLU B 14 -8.41 -31.19 -7.15
N PRO B 15 -8.01 -30.72 -5.95
CA PRO B 15 -8.80 -29.90 -5.02
C PRO B 15 -8.43 -28.43 -5.11
N TYR B 16 -7.93 -27.99 -6.25
CA TYR B 16 -7.49 -26.62 -6.43
C TYR B 16 -8.67 -25.65 -6.53
N VAL B 17 -9.61 -25.96 -7.42
CA VAL B 17 -10.78 -25.11 -7.62
C VAL B 17 -12.05 -25.95 -7.71
N MET B 18 -12.97 -25.74 -6.76
CA MET B 18 -14.21 -26.51 -6.69
C MET B 18 -15.41 -25.63 -6.41
N TYR B 19 -16.60 -26.14 -6.70
CA TYR B 19 -17.84 -25.46 -6.33
C TYR B 19 -18.15 -25.71 -4.86
N ARG B 20 -18.45 -24.63 -4.13
CA ARG B 20 -18.90 -24.77 -2.75
C ARG B 20 -20.36 -25.20 -2.76
N LYS B 21 -20.67 -26.25 -2.01
CA LYS B 21 -22.03 -26.77 -1.96
C LYS B 21 -22.88 -26.06 -0.90
N SER B 22 -24.05 -25.58 -1.29
CA SER B 22 -24.92 -24.83 -0.38
C SER B 22 -26.40 -25.13 -0.63
N ASP B 23 -27.24 -24.65 0.28
CA ASP B 23 -28.68 -24.84 0.16
C ASP B 23 -29.33 -23.74 -0.67
N LYS B 24 -28.84 -22.51 -0.51
CA LYS B 24 -29.34 -21.36 -1.26
C LYS B 24 -28.27 -20.93 -2.26
N PRO B 25 -28.66 -20.17 -3.31
CA PRO B 25 -27.68 -19.79 -4.34
C PRO B 25 -26.49 -19.02 -3.78
N LEU B 26 -25.29 -19.48 -4.10
CA LEU B 26 -24.08 -18.73 -3.78
C LEU B 26 -23.81 -17.73 -4.89
N TYR B 27 -23.06 -16.69 -4.59
CA TYR B 27 -22.74 -15.67 -5.59
C TYR B 27 -21.30 -15.19 -5.49
N GLY B 28 -20.75 -14.77 -6.62
CA GLY B 28 -19.40 -14.25 -6.69
C GLY B 28 -18.35 -15.30 -6.35
N ASN B 29 -17.29 -14.86 -5.69
CA ASN B 29 -16.19 -15.74 -5.32
C ASN B 29 -16.58 -16.75 -4.24
N ASP B 30 -17.75 -16.54 -3.64
CA ASP B 30 -18.24 -17.41 -2.59
C ASP B 30 -18.75 -18.74 -3.16
N ARG B 31 -18.91 -18.79 -4.47
CA ARG B 31 -19.30 -20.02 -5.15
C ARG B 31 -18.17 -21.03 -5.13
N PHE B 32 -16.94 -20.56 -4.97
CA PHE B 32 -15.77 -21.42 -5.12
C PHE B 32 -15.01 -21.63 -3.82
N GLU B 33 -14.34 -22.77 -3.72
CA GLU B 33 -13.44 -23.07 -2.62
C GLU B 33 -12.32 -23.97 -3.14
N GLY B 34 -11.21 -24.05 -2.40
CA GLY B 34 -10.11 -24.88 -2.80
C GLY B 34 -8.75 -24.30 -2.48
N TYR B 35 -7.70 -25.04 -2.84
CA TYR B 35 -6.32 -24.61 -2.60
C TYR B 35 -6.02 -23.27 -3.29
N CYS B 36 -6.40 -23.17 -4.55
CA CYS B 36 -6.10 -21.98 -5.36
C CYS B 36 -6.89 -20.76 -4.89
N LEU B 37 -8.05 -21.00 -4.28
CA LEU B 37 -8.84 -19.90 -3.73
C LEU B 37 -8.20 -19.36 -2.46
N ASP B 38 -7.67 -20.26 -1.64
CA ASP B 38 -6.97 -19.86 -0.42
C ASP B 38 -5.69 -19.10 -0.73
N LEU B 39 -4.94 -19.60 -1.73
CA LEU B 39 -3.73 -18.93 -2.18
C LEU B 39 -4.07 -17.55 -2.73
N LEU B 40 -5.19 -17.47 -3.44
CA LEU B 40 -5.64 -16.21 -4.03
C LEU B 40 -5.96 -15.18 -2.95
N LYS B 41 -6.67 -15.62 -1.91
CA LYS B 41 -7.03 -14.74 -0.80
C LYS B 41 -5.78 -14.21 -0.10
N GLU B 42 -4.80 -15.08 0.06
CA GLU B 42 -3.54 -14.71 0.70
C GLU B 42 -2.79 -13.68 -0.15
N LEU B 43 -2.73 -13.93 -1.45
CA LEU B 43 -2.07 -13.01 -2.38
C LEU B 43 -2.75 -11.64 -2.36
N SER B 44 -4.06 -11.63 -2.26
CA SER B 44 -4.84 -10.39 -2.27
C SER B 44 -4.64 -9.60 -0.99
N ASN B 45 -4.34 -10.29 0.11
CA ASN B 45 -4.09 -9.62 1.38
C ASN B 45 -2.67 -9.06 1.47
N ILE B 46 -1.72 -9.77 0.86
CA ILE B 46 -0.32 -9.37 0.87
C ILE B 46 -0.04 -8.25 -0.12
N LEU B 47 -0.59 -8.37 -1.33
CA LEU B 47 -0.36 -7.39 -2.38
C LEU B 47 -1.42 -6.28 -2.39
N GLY B 48 -2.54 -6.53 -1.73
CA GLY B 48 -3.60 -5.55 -1.62
C GLY B 48 -4.35 -5.28 -2.89
N PHE B 49 -5.26 -6.19 -3.25
CA PHE B 49 -6.11 -5.99 -4.42
C PHE B 49 -7.46 -6.71 -4.29
N LEU B 50 -8.44 -6.24 -5.06
CA LEU B 50 -9.73 -6.90 -5.16
C LEU B 50 -9.68 -7.83 -6.35
N TYR B 51 -10.42 -8.94 -6.29
CA TYR B 51 -10.41 -9.89 -7.38
C TYR B 51 -11.78 -10.50 -7.68
N ASP B 52 -11.95 -10.94 -8.92
CA ASP B 52 -13.19 -11.55 -9.38
C ASP B 52 -12.86 -12.85 -10.10
N VAL B 53 -13.33 -13.97 -9.54
CA VAL B 53 -13.02 -15.28 -10.11
C VAL B 53 -13.94 -15.63 -11.28
N LYS B 54 -13.34 -15.86 -12.44
CA LYS B 54 -14.09 -16.25 -13.63
C LYS B 54 -13.54 -17.54 -14.22
N LEU B 55 -14.37 -18.58 -14.26
CA LEU B 55 -13.97 -19.84 -14.87
C LEU B 55 -13.74 -19.66 -16.37
N VAL B 56 -12.67 -20.26 -16.88
CA VAL B 56 -12.36 -20.17 -18.30
C VAL B 56 -13.49 -20.79 -19.11
N PRO B 57 -14.02 -20.04 -20.09
CA PRO B 57 -15.17 -20.46 -20.90
C PRO B 57 -15.02 -21.82 -21.57
N ASP B 58 -13.91 -22.05 -22.28
CA ASP B 58 -13.73 -23.30 -22.99
C ASP B 58 -13.26 -24.43 -22.07
N GLY B 59 -13.05 -24.11 -20.80
CA GLY B 59 -12.69 -25.09 -19.80
C GLY B 59 -11.36 -25.79 -20.05
N LYS B 60 -10.41 -25.06 -20.63
CA LYS B 60 -9.10 -25.63 -20.94
C LYS B 60 -7.96 -24.80 -20.35
N TYR B 61 -6.80 -25.44 -20.17
CA TYR B 61 -5.65 -24.78 -19.58
C TYR B 61 -4.95 -23.85 -20.56
N GLY B 62 -4.69 -24.34 -21.77
CA GLY B 62 -4.03 -23.55 -22.78
C GLY B 62 -3.03 -24.32 -23.62
N ALA B 63 -3.45 -24.69 -24.82
CA ALA B 63 -2.59 -25.37 -25.77
C ALA B 63 -2.71 -24.71 -27.13
N GLN B 64 -1.83 -25.07 -28.06
CA GLN B 64 -1.87 -24.53 -29.41
C GLN B 64 -2.55 -25.48 -30.38
N ASN B 65 -3.30 -24.93 -31.32
CA ASN B 65 -3.87 -25.72 -32.40
C ASN B 65 -2.82 -25.95 -33.48
N ASP B 66 -3.22 -26.56 -34.59
CA ASP B 66 -2.28 -26.82 -35.68
C ASP B 66 -1.73 -25.53 -36.27
N LYS B 67 -2.54 -24.48 -36.28
CA LYS B 67 -2.12 -23.19 -36.80
C LYS B 67 -1.37 -22.37 -35.76
N GLY B 68 -1.32 -22.88 -34.54
CA GLY B 68 -0.56 -22.23 -33.48
C GLY B 68 -1.33 -21.15 -32.72
N GLU B 69 -2.65 -21.24 -32.75
CA GLU B 69 -3.48 -20.31 -31.98
C GLU B 69 -3.73 -20.86 -30.58
N TRP B 70 -3.71 -19.97 -29.59
CA TRP B 70 -3.87 -20.37 -28.19
C TRP B 70 -5.33 -20.40 -27.76
N ASN B 71 -5.63 -21.26 -26.80
CA ASN B 71 -6.95 -21.32 -26.19
C ASN B 71 -6.85 -21.30 -24.67
N GLY B 72 -7.97 -21.54 -24.00
CA GLY B 72 -7.98 -21.67 -22.56
C GLY B 72 -7.50 -20.46 -21.78
N MET B 73 -7.00 -20.71 -20.56
CA MET B 73 -6.55 -19.65 -19.67
C MET B 73 -5.41 -18.82 -20.26
N VAL B 74 -4.55 -19.47 -21.04
CA VAL B 74 -3.44 -18.79 -21.67
C VAL B 74 -3.93 -17.71 -22.63
N LYS B 75 -4.91 -18.08 -23.46
CA LYS B 75 -5.51 -17.12 -24.39
C LYS B 75 -6.16 -15.95 -23.65
N GLU B 76 -6.77 -16.25 -22.51
CA GLU B 76 -7.40 -15.23 -21.69
C GLU B 76 -6.40 -14.16 -21.27
N LEU B 77 -5.20 -14.60 -20.89
CA LEU B 77 -4.14 -13.69 -20.47
C LEU B 77 -3.58 -12.90 -21.64
N ILE B 78 -3.36 -13.59 -22.76
CA ILE B 78 -2.82 -12.96 -23.96
C ILE B 78 -3.77 -11.88 -24.49
N ASP B 79 -5.05 -12.22 -24.58
CA ASP B 79 -6.07 -11.30 -25.08
C ASP B 79 -6.44 -10.24 -24.04
N HIS B 80 -5.78 -10.28 -22.89
CA HIS B 80 -6.01 -9.34 -21.80
C HIS B 80 -7.45 -9.33 -21.31
N ARG B 81 -8.07 -10.51 -21.28
CA ARG B 81 -9.41 -10.64 -20.73
C ARG B 81 -9.34 -11.07 -19.27
N ALA B 82 -8.13 -11.40 -18.83
CA ALA B 82 -7.87 -11.73 -17.44
C ALA B 82 -6.57 -11.08 -16.98
N ASP B 83 -6.49 -10.81 -15.69
CA ASP B 83 -5.30 -10.19 -15.12
C ASP B 83 -4.36 -11.23 -14.53
N LEU B 84 -4.93 -12.27 -13.94
CA LEU B 84 -4.16 -13.35 -13.34
C LEU B 84 -4.78 -14.71 -13.67
N ALA B 85 -3.94 -15.73 -13.74
CA ALA B 85 -4.41 -17.10 -13.86
C ALA B 85 -3.94 -17.90 -12.65
N VAL B 86 -4.85 -18.11 -11.70
CA VAL B 86 -4.53 -18.87 -10.50
C VAL B 86 -5.15 -20.26 -10.57
N ALA B 87 -4.32 -21.23 -10.96
CA ALA B 87 -4.76 -22.60 -11.18
C ALA B 87 -3.51 -23.48 -11.22
N PRO B 88 -3.67 -24.81 -11.21
CA PRO B 88 -2.46 -25.61 -11.38
C PRO B 88 -1.93 -25.53 -12.82
N LEU B 89 -1.48 -24.34 -13.21
CA LEU B 89 -1.02 -24.10 -14.57
C LEU B 89 0.48 -24.38 -14.70
N THR B 90 0.81 -25.40 -15.48
CA THR B 90 2.19 -25.85 -15.61
C THR B 90 3.09 -24.82 -16.28
N ILE B 91 4.21 -24.51 -15.64
CA ILE B 91 5.21 -23.62 -16.21
C ILE B 91 5.98 -24.35 -17.31
N THR B 92 5.75 -23.96 -18.56
CA THR B 92 6.39 -24.61 -19.69
C THR B 92 7.09 -23.64 -20.63
N TYR B 93 7.99 -24.18 -21.43
CA TYR B 93 8.75 -23.42 -22.43
C TYR B 93 7.84 -22.67 -23.40
N VAL B 94 6.86 -23.37 -23.97
CA VAL B 94 5.97 -22.76 -24.94
C VAL B 94 5.10 -21.66 -24.36
N ARG B 95 4.57 -21.89 -23.16
CA ARG B 95 3.70 -20.92 -22.50
C ARG B 95 4.49 -19.70 -22.05
N GLU B 96 5.71 -19.93 -21.57
CA GLU B 96 6.57 -18.85 -21.08
C GLU B 96 6.92 -17.86 -22.20
N LYS B 97 6.74 -18.29 -23.44
CA LYS B 97 7.02 -17.45 -24.60
C LYS B 97 5.87 -16.50 -24.94
N VAL B 98 4.69 -16.76 -24.39
CA VAL B 98 3.51 -15.95 -24.70
C VAL B 98 2.88 -15.31 -23.45
N ILE B 99 3.15 -15.87 -22.28
CA ILE B 99 2.70 -15.29 -21.03
C ILE B 99 3.82 -15.33 -20.00
N ASP B 100 3.59 -14.71 -18.85
CA ASP B 100 4.57 -14.74 -17.77
C ASP B 100 4.10 -15.64 -16.64
N PHE B 101 5.06 -16.18 -15.90
CA PHE B 101 4.77 -17.04 -14.76
C PHE B 101 5.48 -16.52 -13.51
N SER B 102 4.86 -16.72 -12.36
CA SER B 102 5.52 -16.43 -11.09
C SER B 102 6.43 -17.61 -10.77
N LYS B 103 7.13 -17.54 -9.64
CA LYS B 103 7.85 -18.70 -9.15
C LYS B 103 6.82 -19.77 -8.83
N PRO B 104 7.19 -21.05 -8.97
CA PRO B 104 6.23 -22.12 -8.70
C PRO B 104 5.75 -22.12 -7.25
N PHE B 105 4.44 -22.13 -7.03
CA PHE B 105 3.91 -22.27 -5.69
C PHE B 105 3.85 -23.75 -5.33
N MET B 106 4.12 -24.59 -6.31
CA MET B 106 4.09 -26.04 -6.12
C MET B 106 4.96 -26.74 -7.14
N THR B 107 5.88 -27.58 -6.67
CA THR B 107 6.73 -28.37 -7.55
C THR B 107 6.37 -29.85 -7.41
N LEU B 108 6.22 -30.53 -8.55
CA LEU B 108 5.77 -31.90 -8.57
C LEU B 108 6.48 -32.70 -9.65
N GLY B 109 6.08 -33.96 -9.80
CA GLY B 109 6.67 -34.81 -10.83
C GLY B 109 5.95 -36.14 -10.98
N ILE B 110 6.31 -36.88 -12.01
CA ILE B 110 5.72 -38.19 -12.28
C ILE B 110 6.19 -39.21 -11.24
N SER B 111 5.25 -40.02 -10.74
CA SER B 111 5.59 -41.09 -9.82
C SER B 111 4.65 -42.28 -9.97
N ILE B 112 4.76 -43.26 -9.08
CA ILE B 112 4.02 -44.51 -9.20
C ILE B 112 3.01 -44.74 -8.08
N LEU B 113 1.77 -45.01 -8.46
CA LEU B 113 0.74 -45.38 -7.49
C LEU B 113 0.52 -46.89 -7.52
N TYR B 114 0.66 -47.52 -6.35
CA TYR B 114 0.53 -48.98 -6.25
C TYR B 114 0.08 -49.36 -4.84
N ARG B 115 0.06 -50.66 -4.56
CA ARG B 115 -0.38 -51.15 -3.25
C ARG B 115 0.78 -51.21 -2.26
N LYS B 116 0.45 -51.13 -0.97
CA LYS B 116 1.44 -51.27 0.08
C LYS B 116 1.89 -52.72 0.24
N GLY B 117 3.07 -52.91 0.82
CA GLY B 117 3.56 -54.23 1.15
C GLY B 117 3.94 -55.13 -0.02
N THR B 118 4.49 -54.55 -1.07
CA THR B 118 4.93 -55.31 -2.22
C THR B 118 6.45 -55.22 -2.35
N PRO B 119 7.08 -56.15 -3.09
CA PRO B 119 8.54 -56.04 -3.31
C PRO B 119 8.91 -54.91 -4.26
N ILE B 120 7.96 -54.49 -5.09
CA ILE B 120 8.18 -53.42 -6.04
C ILE B 120 8.62 -52.14 -5.32
N ASP B 121 9.74 -51.58 -5.76
CA ASP B 121 10.36 -50.47 -5.03
C ASP B 121 10.68 -49.27 -5.91
N SER B 122 10.74 -49.47 -7.22
CA SER B 122 11.06 -48.39 -8.14
C SER B 122 10.54 -48.65 -9.54
N ALA B 123 10.77 -47.70 -10.44
CA ALA B 123 10.34 -47.81 -11.83
C ALA B 123 10.97 -49.01 -12.52
N ASP B 124 12.27 -49.19 -12.32
CA ASP B 124 12.98 -50.30 -12.96
C ASP B 124 12.49 -51.65 -12.45
N ASP B 125 11.99 -51.68 -11.23
CA ASP B 125 11.39 -52.89 -10.68
C ASP B 125 10.11 -53.25 -11.45
N LEU B 126 9.40 -52.23 -11.91
CA LEU B 126 8.22 -52.44 -12.74
C LEU B 126 8.62 -52.80 -14.17
N ALA B 127 9.65 -52.14 -14.68
CA ALA B 127 10.11 -52.35 -16.05
C ALA B 127 10.71 -53.73 -16.26
N LYS B 128 11.28 -54.28 -15.19
CA LYS B 128 11.93 -55.59 -15.26
C LYS B 128 10.94 -56.73 -15.54
N GLN B 129 9.70 -56.55 -15.10
CA GLN B 129 8.70 -57.61 -15.18
C GLN B 129 7.50 -57.22 -16.05
N THR B 130 6.58 -58.16 -16.23
CA THR B 130 5.36 -57.94 -16.98
C THR B 130 4.14 -58.50 -16.25
N LYS B 131 4.40 -59.24 -15.17
CA LYS B 131 3.33 -59.86 -14.38
C LYS B 131 2.39 -58.81 -13.81
N ILE B 132 2.98 -57.75 -13.27
CA ILE B 132 2.20 -56.63 -12.74
C ILE B 132 2.05 -55.57 -13.83
N GLU B 133 0.81 -55.38 -14.29
CA GLU B 133 0.51 -54.42 -15.34
C GLU B 133 0.71 -53.00 -14.82
N TYR B 134 1.16 -52.11 -15.70
CA TYR B 134 1.32 -50.70 -15.35
C TYR B 134 1.10 -49.81 -16.56
N GLY B 135 0.58 -48.60 -16.33
CA GLY B 135 0.31 -47.67 -17.41
C GLY B 135 0.02 -46.27 -16.93
N ALA B 136 -0.57 -45.46 -17.80
CA ALA B 136 -0.88 -44.07 -17.46
C ALA B 136 -2.13 -43.60 -18.19
N VAL B 137 -2.59 -42.40 -17.85
CA VAL B 137 -3.75 -41.80 -18.52
C VAL B 137 -3.41 -41.49 -19.97
N ARG B 138 -4.27 -41.89 -20.88
CA ARG B 138 -4.05 -41.66 -22.32
C ARG B 138 -3.96 -40.18 -22.65
N ASP B 139 -2.91 -39.82 -23.39
CA ASP B 139 -2.73 -38.47 -23.91
C ASP B 139 -2.62 -37.39 -22.82
N GLY B 140 -2.32 -37.82 -21.60
CA GLY B 140 -2.00 -36.89 -20.54
C GLY B 140 -0.54 -36.50 -20.63
N SER B 141 -0.06 -35.72 -19.67
CA SER B 141 1.32 -35.26 -19.68
C SER B 141 2.32 -36.39 -19.37
N THR B 142 1.89 -37.35 -18.56
CA THR B 142 2.75 -38.47 -18.18
C THR B 142 3.02 -39.39 -19.37
N MET B 143 1.97 -39.71 -20.13
CA MET B 143 2.12 -40.50 -21.34
C MET B 143 3.04 -39.79 -22.33
N THR B 144 2.85 -38.48 -22.46
CA THR B 144 3.66 -37.65 -23.34
C THR B 144 5.14 -37.76 -22.98
N PHE B 145 5.42 -37.74 -21.67
CA PHE B 145 6.79 -37.86 -21.18
C PHE B 145 7.44 -39.18 -21.58
N PHE B 146 6.73 -40.28 -21.31
CA PHE B 146 7.26 -41.61 -21.59
C PHE B 146 7.44 -41.86 -23.08
N LYS B 147 6.51 -41.33 -23.88
CA LYS B 147 6.53 -41.50 -25.32
C LYS B 147 7.75 -40.80 -25.95
N LYS B 148 8.24 -39.76 -25.28
CA LYS B 148 9.32 -38.94 -25.82
C LYS B 148 10.66 -39.19 -25.12
N SER B 149 10.65 -40.03 -24.10
CA SER B 149 11.86 -40.27 -23.30
C SER B 149 12.93 -41.04 -24.06
N LYS B 150 14.18 -40.63 -23.88
CA LYS B 150 15.32 -41.30 -24.48
C LYS B 150 16.06 -42.10 -23.41
N ILE B 151 15.51 -42.11 -22.21
CA ILE B 151 16.06 -42.89 -21.12
C ILE B 151 15.65 -44.35 -21.29
N SER B 152 16.63 -45.24 -21.27
CA SER B 152 16.43 -46.66 -21.57
C SER B 152 15.33 -47.33 -20.73
N THR B 153 15.34 -47.06 -19.43
CA THR B 153 14.36 -47.64 -18.52
C THR B 153 12.94 -47.21 -18.88
N TYR B 154 12.79 -45.94 -19.26
CA TYR B 154 11.48 -45.39 -19.57
C TYR B 154 11.04 -45.74 -20.99
N GLU B 155 12.00 -45.97 -21.88
CA GLU B 155 11.68 -46.44 -23.22
C GLU B 155 11.08 -47.83 -23.14
N LYS B 156 11.64 -48.66 -22.25
CA LYS B 156 11.15 -50.02 -22.07
C LYS B 156 9.77 -50.02 -21.40
N MET B 157 9.54 -49.04 -20.53
CA MET B 157 8.24 -48.91 -19.88
C MET B 157 7.18 -48.44 -20.87
N TRP B 158 7.54 -47.48 -21.71
CA TRP B 158 6.61 -46.97 -22.72
C TRP B 158 6.24 -48.05 -23.72
N ALA B 159 7.20 -48.90 -24.07
CA ALA B 159 6.97 -49.99 -25.00
C ALA B 159 5.95 -50.97 -24.43
N PHE B 160 5.98 -51.16 -23.13
CA PHE B 160 5.03 -52.03 -22.45
C PHE B 160 3.63 -51.40 -22.43
N MET B 161 3.59 -50.11 -22.13
CA MET B 161 2.31 -49.39 -22.03
C MET B 161 1.58 -49.34 -23.37
N SER B 162 2.35 -49.15 -24.44
CA SER B 162 1.77 -48.99 -25.78
C SER B 162 1.52 -50.33 -26.47
N SER B 163 2.02 -51.41 -25.88
CA SER B 163 1.86 -52.73 -26.46
C SER B 163 0.42 -53.24 -26.31
N ARG B 164 0.05 -54.21 -27.15
CA ARG B 164 -1.25 -54.88 -27.07
C ARG B 164 -2.42 -53.91 -27.17
N GLN B 165 -2.39 -53.04 -28.18
CA GLN B 165 -3.42 -52.03 -28.41
C GLN B 165 -3.61 -51.09 -27.20
N GLN B 166 -2.51 -50.81 -26.50
CA GLN B 166 -2.51 -49.90 -25.34
C GLN B 166 -3.46 -50.31 -24.22
N SER B 167 -3.56 -51.61 -23.95
CA SER B 167 -4.49 -52.10 -22.95
C SER B 167 -4.08 -51.71 -21.52
N ALA B 168 -2.81 -51.36 -21.35
CA ALA B 168 -2.28 -51.00 -20.03
C ALA B 168 -2.62 -49.55 -19.66
N LEU B 169 -3.08 -48.78 -20.64
CA LEU B 169 -3.44 -47.39 -20.39
C LEU B 169 -4.87 -47.27 -19.87
N VAL B 170 -5.21 -46.09 -19.33
CA VAL B 170 -6.54 -45.85 -18.78
C VAL B 170 -7.14 -44.56 -19.32
N LYS B 171 -8.47 -44.45 -19.25
CA LYS B 171 -9.18 -43.29 -19.78
C LYS B 171 -8.85 -42.00 -19.02
N ASN B 172 -8.89 -42.08 -17.70
CA ASN B 172 -8.57 -40.93 -16.86
C ASN B 172 -8.05 -41.35 -15.49
N SER B 173 -7.81 -40.38 -14.63
CA SER B 173 -7.28 -40.65 -13.30
C SER B 173 -8.25 -41.46 -12.44
N ASP B 174 -9.53 -41.10 -12.52
CA ASP B 174 -10.58 -41.80 -11.77
C ASP B 174 -10.55 -43.30 -12.03
N GLU B 175 -10.60 -43.67 -13.31
CA GLU B 175 -10.60 -45.07 -13.69
C GLU B 175 -9.25 -45.72 -13.42
N GLY B 176 -8.19 -44.92 -13.49
CA GLY B 176 -6.85 -45.40 -13.19
C GLY B 176 -6.73 -45.83 -11.74
N ILE B 177 -7.27 -45.03 -10.84
CA ILE B 177 -7.24 -45.34 -9.41
C ILE B 177 -8.08 -46.57 -9.09
N GLN B 178 -9.26 -46.66 -9.69
CA GLN B 178 -10.13 -47.81 -9.45
CA GLN B 178 -10.14 -47.81 -9.48
C GLN B 178 -9.51 -49.08 -10.01
N ARG B 179 -8.73 -48.96 -11.09
CA ARG B 179 -8.03 -50.10 -11.66
C ARG B 179 -6.95 -50.57 -10.69
N VAL B 180 -6.29 -49.60 -10.06
CA VAL B 180 -5.27 -49.88 -9.04
C VAL B 180 -5.90 -50.60 -7.85
N LEU B 181 -7.07 -50.13 -7.44
CA LEU B 181 -7.76 -50.67 -6.27
C LEU B 181 -8.35 -52.05 -6.52
N THR B 182 -8.81 -52.29 -7.75
CA THR B 182 -9.55 -53.52 -8.05
C THR B 182 -8.64 -54.63 -8.59
N THR B 183 -7.65 -54.26 -9.39
CA THR B 183 -6.76 -55.26 -9.98
C THR B 183 -5.32 -55.09 -9.52
N ASP B 184 -4.44 -55.93 -10.05
CA ASP B 184 -3.01 -55.83 -9.76
C ASP B 184 -2.37 -54.91 -10.78
N TYR B 185 -2.40 -53.61 -10.50
CA TYR B 185 -2.04 -52.60 -11.48
C TYR B 185 -1.36 -51.41 -10.83
N ALA B 186 -0.34 -50.87 -11.50
CA ALA B 186 0.37 -49.70 -11.02
C ALA B 186 0.12 -48.51 -11.94
N LEU B 187 -0.19 -47.36 -11.37
CA LEU B 187 -0.52 -46.18 -12.16
C LEU B 187 0.57 -45.11 -12.12
N LEU B 188 1.08 -44.75 -13.30
CA LEU B 188 2.04 -43.66 -13.43
C LEU B 188 1.28 -42.34 -13.57
N MET B 189 1.49 -41.43 -12.61
CA MET B 189 0.86 -40.10 -12.68
C MET B 189 1.57 -39.09 -11.80
N GLU B 190 1.03 -37.86 -11.76
CA GLU B 190 1.65 -36.78 -11.01
C GLU B 190 1.67 -37.06 -9.51
N SER B 191 2.77 -36.67 -8.86
CA SER B 191 2.95 -36.93 -7.43
C SER B 191 1.90 -36.24 -6.57
N THR B 192 1.37 -35.13 -7.06
CA THR B 192 0.30 -34.41 -6.34
C THR B 192 -0.98 -35.25 -6.31
N SER B 193 -1.27 -35.92 -7.41
CA SER B 193 -2.46 -36.78 -7.49
C SER B 193 -2.31 -37.99 -6.59
N ILE B 194 -1.11 -38.58 -6.58
CA ILE B 194 -0.84 -39.77 -5.78
C ILE B 194 -1.02 -39.47 -4.30
N GLU B 195 -0.51 -38.31 -3.87
CA GLU B 195 -0.66 -37.89 -2.48
CA GLU B 195 -0.66 -37.88 -2.49
C GLU B 195 -2.14 -37.79 -2.10
N TYR B 196 -2.93 -37.20 -2.99
CA TYR B 196 -4.36 -37.02 -2.75
C TYR B 196 -5.07 -38.36 -2.61
N VAL B 197 -4.58 -39.37 -3.33
CA VAL B 197 -5.18 -40.69 -3.32
C VAL B 197 -4.74 -41.51 -2.11
N THR B 198 -3.44 -41.49 -1.83
CA THR B 198 -2.88 -42.27 -0.72
C THR B 198 -3.37 -41.77 0.64
N GLN B 199 -3.76 -40.49 0.70
CA GLN B 199 -4.28 -39.91 1.92
C GLN B 199 -5.70 -40.41 2.20
N ARG B 200 -6.33 -40.97 1.18
CA ARG B 200 -7.71 -41.44 1.29
C ARG B 200 -7.82 -42.96 1.09
N ASN B 201 -6.73 -43.56 0.65
CA ASN B 201 -6.66 -45.01 0.49
C ASN B 201 -5.45 -45.56 1.24
N CYS B 202 -5.68 -46.03 2.46
CA CYS B 202 -4.60 -46.46 3.34
C CYS B 202 -3.89 -47.74 2.87
N ASN B 203 -4.44 -48.40 1.86
CA ASN B 203 -3.82 -49.59 1.31
C ASN B 203 -2.97 -49.28 0.08
N LEU B 204 -2.92 -48.00 -0.29
CA LEU B 204 -2.12 -47.57 -1.43
C LEU B 204 -0.96 -46.68 -0.98
N THR B 205 0.06 -46.57 -1.83
CA THR B 205 1.23 -45.77 -1.50
C THR B 205 2.00 -45.37 -2.75
N GLN B 206 2.80 -44.31 -2.63
CA GLN B 206 3.67 -43.90 -3.72
C GLN B 206 4.91 -44.78 -3.75
N ILE B 207 5.24 -45.29 -4.93
CA ILE B 207 6.42 -46.14 -5.09
C ILE B 207 7.56 -45.37 -5.74
N GLY B 208 8.69 -45.30 -5.04
CA GLY B 208 9.86 -44.60 -5.54
C GLY B 208 9.70 -43.09 -5.47
N GLY B 209 10.66 -42.38 -6.06
CA GLY B 209 10.65 -40.93 -6.05
C GLY B 209 10.06 -40.33 -7.31
N LEU B 210 10.45 -39.11 -7.62
CA LEU B 210 9.93 -38.42 -8.80
C LEU B 210 10.69 -38.84 -10.07
N ILE B 211 9.94 -39.03 -11.15
CA ILE B 211 10.50 -39.47 -12.41
C ILE B 211 10.88 -38.28 -13.28
N ASP B 212 10.18 -37.17 -13.11
CA ASP B 212 10.56 -35.90 -13.73
C ASP B 212 10.25 -34.74 -12.79
N SER B 213 10.37 -33.51 -13.28
CA SER B 213 10.11 -32.34 -12.46
C SER B 213 9.44 -31.21 -13.25
N LYS B 214 8.49 -30.55 -12.60
CA LYS B 214 7.77 -29.42 -13.20
C LYS B 214 7.12 -28.61 -12.09
N GLY B 215 6.69 -27.40 -12.42
CA GLY B 215 6.10 -26.53 -11.42
C GLY B 215 4.79 -25.90 -11.85
N TYR B 216 3.90 -25.69 -10.88
CA TYR B 216 2.68 -24.94 -11.10
C TYR B 216 2.91 -23.49 -10.72
N GLY B 217 2.63 -22.58 -11.64
CA GLY B 217 2.85 -21.16 -11.39
C GLY B 217 1.63 -20.32 -11.68
N VAL B 218 1.58 -19.13 -11.09
CA VAL B 218 0.50 -18.18 -11.36
C VAL B 218 0.79 -17.43 -12.65
N GLY B 219 -0.14 -17.50 -13.59
CA GLY B 219 0.04 -16.87 -14.89
C GLY B 219 -0.38 -15.42 -14.94
N THR B 220 0.38 -14.62 -15.68
CA THR B 220 0.04 -13.23 -15.93
C THR B 220 0.33 -12.92 -17.40
N PRO B 221 -0.30 -11.89 -17.96
CA PRO B 221 0.04 -11.48 -19.34
C PRO B 221 1.48 -10.97 -19.45
N ILE B 222 1.98 -10.86 -20.67
CA ILE B 222 3.33 -10.34 -20.91
C ILE B 222 3.44 -8.88 -20.45
N GLY B 223 4.42 -8.62 -19.58
CA GLY B 223 4.65 -7.28 -19.09
C GLY B 223 3.57 -6.84 -18.11
N SER B 224 3.39 -7.60 -17.04
CA SER B 224 2.42 -7.27 -16.01
C SER B 224 3.12 -6.78 -14.75
N PRO B 225 2.55 -5.75 -14.10
CA PRO B 225 3.11 -5.19 -12.87
C PRO B 225 2.88 -6.10 -11.66
N TYR B 226 2.24 -7.25 -11.87
CA TYR B 226 1.90 -8.15 -10.77
C TYR B 226 2.82 -9.36 -10.66
N ARG B 227 3.42 -9.77 -11.77
CA ARG B 227 4.21 -11.01 -11.80
C ARG B 227 5.35 -11.02 -10.79
N ASP B 228 6.14 -9.94 -10.76
CA ASP B 228 7.24 -9.84 -9.81
C ASP B 228 6.74 -9.74 -8.37
N LYS B 229 5.64 -9.03 -8.18
CA LYS B 229 5.04 -8.88 -6.86
C LYS B 229 4.48 -10.21 -6.36
N ILE B 230 3.86 -10.97 -7.27
CA ILE B 230 3.27 -12.26 -6.90
C ILE B 230 4.35 -13.27 -6.52
N THR B 231 5.46 -13.23 -7.24
CA THR B 231 6.60 -14.11 -6.96
C THR B 231 7.12 -13.93 -5.54
N ILE B 232 7.26 -12.68 -5.12
CA ILE B 232 7.79 -12.37 -3.80
C ILE B 232 6.81 -12.81 -2.70
N ALA B 233 5.52 -12.61 -2.97
CA ALA B 233 4.48 -13.05 -2.04
C ALA B 233 4.50 -14.57 -1.87
N ILE B 234 4.69 -15.28 -2.98
CA ILE B 234 4.75 -16.74 -2.95
C ILE B 234 5.96 -17.24 -2.14
N LEU B 235 7.12 -16.64 -2.40
CA LEU B 235 8.32 -16.96 -1.63
C LEU B 235 8.12 -16.69 -0.15
N GLN B 236 7.45 -15.58 0.15
CA GLN B 236 7.10 -15.23 1.52
C GLN B 236 6.25 -16.35 2.15
N LEU B 237 5.20 -16.75 1.45
CA LEU B 237 4.31 -17.80 1.92
C LEU B 237 5.03 -19.14 2.05
N GLN B 238 5.92 -19.44 1.10
CA GLN B 238 6.67 -20.68 1.10
C GLN B 238 7.56 -20.80 2.33
N GLU B 239 8.28 -19.72 2.63
CA GLU B 239 9.30 -19.74 3.68
C GLU B 239 8.71 -19.71 5.10
N GLU B 240 7.54 -19.09 5.26
CA GLU B 240 6.90 -19.06 6.58
C GLU B 240 5.94 -20.23 6.77
N GLY B 241 6.01 -21.19 5.85
CA GLY B 241 5.31 -22.45 6.00
C GLY B 241 3.83 -22.42 5.64
N LYS B 242 3.37 -21.31 5.05
CA LYS B 242 1.96 -21.15 4.75
C LYS B 242 1.51 -21.96 3.52
N LEU B 243 2.39 -22.14 2.56
CA LEU B 243 2.08 -22.95 1.38
C LEU B 243 1.85 -24.41 1.77
N HIS B 244 2.68 -24.91 2.67
CA HIS B 244 2.57 -26.29 3.14
C HIS B 244 1.26 -26.52 3.89
N MET B 245 0.83 -25.52 4.65
CA MET B 245 -0.40 -25.62 5.43
C MET B 245 -1.65 -25.64 4.56
N MET B 246 -1.66 -24.83 3.50
CA MET B 246 -2.76 -24.83 2.55
C MET B 246 -2.81 -26.17 1.81
N LYS B 247 -1.62 -26.69 1.51
CA LYS B 247 -1.49 -28.00 0.88
C LYS B 247 -2.10 -29.07 1.78
N GLU B 248 -1.72 -29.05 3.05
CA GLU B 248 -2.24 -30.00 4.03
C GLU B 248 -3.75 -29.88 4.21
N LYS B 249 -4.25 -28.65 4.14
CA LYS B 249 -5.67 -28.38 4.33
C LYS B 249 -6.55 -29.16 3.36
N TRP B 250 -6.15 -29.18 2.09
CA TRP B 250 -6.96 -29.78 1.04
C TRP B 250 -6.49 -31.18 0.60
N TRP B 251 -5.32 -31.59 1.06
CA TRP B 251 -4.77 -32.89 0.66
C TRP B 251 -4.91 -33.96 1.74
N ARG B 252 -4.84 -33.56 3.00
CA ARG B 252 -4.91 -34.51 4.12
C ARG B 252 -6.18 -35.34 4.09
N GLY B 253 -6.04 -36.62 4.44
CA GLY B 253 -7.18 -37.50 4.55
C GLY B 253 -7.53 -37.75 6.01
N ASN B 254 -7.16 -38.94 6.49
CA ASN B 254 -7.45 -39.33 7.88
C ASN B 254 -6.31 -40.14 8.48
N THR C 5 -22.43 -3.14 21.04
CA THR C 5 -21.94 -2.89 19.69
C THR C 5 -21.80 -1.40 19.41
N LEU C 6 -20.70 -1.02 18.75
CA LEU C 6 -20.45 0.38 18.43
C LEU C 6 -21.21 0.80 17.18
N ILE C 7 -21.89 1.94 17.25
CA ILE C 7 -22.56 2.48 16.08
C ILE C 7 -21.60 3.35 15.30
N VAL C 8 -21.41 3.01 14.02
CA VAL C 8 -20.48 3.74 13.18
C VAL C 8 -21.22 4.49 12.08
N THR C 9 -21.23 5.81 12.19
CA THR C 9 -21.85 6.64 11.16
C THR C 9 -20.89 6.81 9.99
N THR C 10 -21.42 6.84 8.78
CA THR C 10 -20.61 7.00 7.59
C THR C 10 -21.45 7.57 6.45
N ILE C 11 -20.82 7.73 5.28
CA ILE C 11 -21.51 8.31 4.15
C ILE C 11 -21.02 7.72 2.83
N LEU C 12 -21.93 7.51 1.89
CA LEU C 12 -21.59 6.95 0.60
C LEU C 12 -20.70 7.90 -0.20
N GLU C 13 -19.52 7.42 -0.56
CA GLU C 13 -18.57 8.20 -1.34
C GLU C 13 -17.51 7.27 -1.92
N GLU C 14 -17.51 7.14 -3.24
CA GLU C 14 -16.55 6.27 -3.94
C GLU C 14 -15.12 6.76 -3.76
N PRO C 15 -14.19 5.85 -3.44
CA PRO C 15 -14.43 4.43 -3.14
C PRO C 15 -14.29 4.14 -1.66
N TYR C 16 -14.57 5.15 -0.83
CA TYR C 16 -14.48 4.98 0.62
C TYR C 16 -15.61 4.09 1.14
N VAL C 17 -16.83 4.44 0.76
CA VAL C 17 -18.01 3.66 1.13
C VAL C 17 -18.92 3.51 -0.08
N MET C 18 -19.23 2.26 -0.44
CA MET C 18 -20.07 1.99 -1.60
C MET C 18 -21.02 0.83 -1.31
N TYR C 19 -22.12 0.77 -2.06
CA TYR C 19 -23.01 -0.38 -1.99
C TYR C 19 -22.36 -1.59 -2.66
N ARG C 20 -22.37 -2.72 -1.98
CA ARG C 20 -21.79 -3.95 -2.51
C ARG C 20 -22.64 -4.56 -3.61
N LYS C 21 -22.01 -4.94 -4.73
CA LYS C 21 -22.72 -5.59 -5.83
C LYS C 21 -23.36 -6.89 -5.34
N SER C 22 -24.59 -7.13 -5.75
CA SER C 22 -25.33 -8.27 -5.24
C SER C 22 -26.51 -8.66 -6.14
N ASP C 23 -26.81 -9.96 -6.18
CA ASP C 23 -27.98 -10.46 -6.88
C ASP C 23 -29.21 -10.38 -5.99
N LYS C 24 -28.98 -10.52 -4.68
CA LYS C 24 -30.04 -10.47 -3.69
C LYS C 24 -29.92 -9.21 -2.84
N PRO C 25 -31.00 -8.82 -2.15
CA PRO C 25 -30.87 -7.74 -1.17
C PRO C 25 -29.95 -8.14 -0.02
N LEU C 26 -28.98 -7.29 0.29
CA LEU C 26 -28.06 -7.55 1.38
C LEU C 26 -28.52 -6.87 2.66
N TYR C 27 -27.96 -7.28 3.80
CA TYR C 27 -28.36 -6.74 5.09
C TYR C 27 -27.16 -6.48 5.99
N GLY C 28 -27.29 -5.51 6.89
CA GLY C 28 -26.24 -5.20 7.84
C GLY C 28 -25.01 -4.59 7.20
N ASN C 29 -23.85 -4.87 7.79
CA ASN C 29 -22.60 -4.31 7.32
C ASN C 29 -22.21 -4.78 5.92
N ASP C 30 -22.71 -5.95 5.54
CA ASP C 30 -22.36 -6.55 4.24
C ASP C 30 -22.91 -5.75 3.07
N ARG C 31 -23.84 -4.84 3.35
CA ARG C 31 -24.38 -3.94 2.33
C ARG C 31 -23.28 -3.03 1.78
N PHE C 32 -22.24 -2.82 2.58
CA PHE C 32 -21.22 -1.84 2.25
C PHE C 32 -19.83 -2.42 2.04
N GLU C 33 -19.01 -1.69 1.30
CA GLU C 33 -17.61 -2.04 1.11
C GLU C 33 -16.85 -0.78 0.70
N GLY C 34 -15.52 -0.84 0.75
CA GLY C 34 -14.71 0.30 0.37
C GLY C 34 -13.50 0.49 1.25
N TYR C 35 -12.75 1.57 1.00
CA TYR C 35 -11.55 1.88 1.77
C TYR C 35 -11.85 2.00 3.26
N CYS C 36 -12.87 2.78 3.60
CA CYS C 36 -13.22 3.04 4.99
C CYS C 36 -13.77 1.81 5.70
N LEU C 37 -14.40 0.91 4.94
CA LEU C 37 -14.89 -0.35 5.50
C LEU C 37 -13.73 -1.24 5.88
N ASP C 38 -12.68 -1.25 5.06
CA ASP C 38 -11.48 -2.01 5.37
C ASP C 38 -10.75 -1.42 6.59
N LEU C 39 -10.67 -0.09 6.63
CA LEU C 39 -10.05 0.59 7.76
C LEU C 39 -10.80 0.29 9.04
N LEU C 40 -12.13 0.34 8.97
CA LEU C 40 -12.99 0.05 10.11
C LEU C 40 -12.79 -1.39 10.59
N LYS C 41 -12.60 -2.31 9.64
CA LYS C 41 -12.34 -3.70 9.97
C LYS C 41 -11.00 -3.85 10.70
N GLU C 42 -9.96 -3.24 10.15
CA GLU C 42 -8.64 -3.27 10.76
C GLU C 42 -8.63 -2.62 12.15
N LEU C 43 -9.35 -1.51 12.28
CA LEU C 43 -9.45 -0.82 13.56
C LEU C 43 -10.11 -1.71 14.60
N SER C 44 -11.07 -2.52 14.17
CA SER C 44 -11.78 -3.40 15.09
C SER C 44 -10.94 -4.64 15.45
N ASN C 45 -9.90 -4.90 14.66
CA ASN C 45 -9.01 -6.01 14.95
C ASN C 45 -7.76 -5.58 15.70
N ILE C 46 -7.65 -4.28 15.96
CA ILE C 46 -6.55 -3.74 16.75
C ILE C 46 -7.05 -3.38 18.15
N LEU C 47 -8.07 -2.52 18.21
CA LEU C 47 -8.69 -2.16 19.48
C LEU C 47 -9.50 -3.33 20.04
N GLY C 48 -10.23 -4.00 19.16
CA GLY C 48 -11.07 -5.12 19.57
C GLY C 48 -12.47 -4.66 19.93
N PHE C 49 -13.36 -4.61 18.94
CA PHE C 49 -14.74 -4.22 19.18
C PHE C 49 -15.68 -4.70 18.08
N LEU C 50 -16.97 -4.74 18.40
CA LEU C 50 -18.00 -5.06 17.42
C LEU C 50 -18.60 -3.75 16.92
N TYR C 51 -19.09 -3.73 15.68
CA TYR C 51 -19.60 -2.50 15.11
C TYR C 51 -20.79 -2.70 14.17
N ASP C 52 -21.68 -1.71 14.16
CA ASP C 52 -22.80 -1.66 13.22
C ASP C 52 -22.73 -0.38 12.40
N VAL C 53 -22.65 -0.54 11.08
CA VAL C 53 -22.54 0.60 10.19
C VAL C 53 -23.92 1.20 9.89
N LYS C 54 -24.01 2.53 9.98
CA LYS C 54 -25.24 3.23 9.71
C LYS C 54 -24.96 4.49 8.90
N LEU C 55 -25.51 4.54 7.68
CA LEU C 55 -25.38 5.72 6.84
C LEU C 55 -26.02 6.91 7.54
N VAL C 56 -25.35 8.07 7.47
CA VAL C 56 -25.92 9.28 8.04
C VAL C 56 -27.22 9.61 7.30
N PRO C 57 -28.33 9.68 8.04
CA PRO C 57 -29.67 9.82 7.46
C PRO C 57 -29.83 11.02 6.51
N ASP C 58 -29.32 12.18 6.91
CA ASP C 58 -29.47 13.37 6.06
C ASP C 58 -28.47 13.41 4.90
N GLY C 59 -27.53 12.47 4.92
CA GLY C 59 -26.55 12.36 3.86
C GLY C 59 -25.55 13.50 3.81
N LYS C 60 -25.30 14.11 4.96
CA LYS C 60 -24.37 15.23 5.04
C LYS C 60 -23.13 14.86 5.85
N TYR C 61 -22.02 15.52 5.57
CA TYR C 61 -20.80 15.33 6.34
C TYR C 61 -20.92 16.03 7.68
N GLY C 62 -21.37 17.28 7.65
CA GLY C 62 -21.54 18.05 8.86
C GLY C 62 -21.19 19.52 8.67
N ALA C 63 -22.21 20.37 8.69
CA ALA C 63 -22.00 21.81 8.61
C ALA C 63 -22.91 22.50 9.62
N GLN C 64 -22.71 23.80 9.82
CA GLN C 64 -23.51 24.55 10.76
C GLN C 64 -24.36 25.60 10.04
N ASN C 65 -25.57 25.82 10.52
CA ASN C 65 -26.44 26.84 9.95
C ASN C 65 -26.24 28.20 10.61
N ASP C 66 -27.14 29.13 10.32
CA ASP C 66 -27.04 30.50 10.82
C ASP C 66 -27.12 30.59 12.34
N LYS C 67 -27.77 29.61 12.97
CA LYS C 67 -27.85 29.54 14.42
C LYS C 67 -26.67 28.79 15.01
N GLY C 68 -25.78 28.29 14.15
CA GLY C 68 -24.64 27.51 14.60
C GLY C 68 -25.03 26.10 15.00
N GLU C 69 -26.11 25.60 14.40
CA GLU C 69 -26.60 24.25 14.69
C GLU C 69 -26.05 23.27 13.65
N TRP C 70 -25.57 22.13 14.11
CA TRP C 70 -24.90 21.16 13.24
C TRP C 70 -25.82 20.13 12.63
N ASN C 71 -25.39 19.57 11.49
CA ASN C 71 -26.08 18.46 10.86
C ASN C 71 -25.10 17.33 10.51
N GLY C 72 -25.59 16.33 9.78
CA GLY C 72 -24.73 15.28 9.27
C GLY C 72 -24.06 14.40 10.31
N MET C 73 -22.94 13.81 9.93
CA MET C 73 -22.21 12.88 10.80
C MET C 73 -21.70 13.57 12.06
N VAL C 74 -21.34 14.85 11.93
CA VAL C 74 -20.85 15.61 13.07
C VAL C 74 -21.94 15.72 14.15
N LYS C 75 -23.16 15.98 13.73
CA LYS C 75 -24.29 16.08 14.64
C LYS C 75 -24.59 14.73 15.28
N GLU C 76 -24.41 13.66 14.52
CA GLU C 76 -24.64 12.32 15.03
C GLU C 76 -23.68 11.96 16.16
N LEU C 77 -22.46 12.49 16.08
CA LEU C 77 -21.45 12.26 17.11
C LEU C 77 -21.73 13.14 18.34
N ILE C 78 -22.18 14.36 18.09
CA ILE C 78 -22.55 15.27 19.16
C ILE C 78 -23.71 14.72 19.98
N ASP C 79 -24.71 14.18 19.30
CA ASP C 79 -25.90 13.64 19.97
C ASP C 79 -25.71 12.22 20.48
N HIS C 80 -24.48 11.71 20.33
CA HIS C 80 -24.14 10.35 20.78
C HIS C 80 -24.99 9.26 20.13
N ARG C 81 -25.45 9.52 18.90
CA ARG C 81 -26.17 8.51 18.13
C ARG C 81 -25.18 7.68 17.32
N ALA C 82 -23.91 8.02 17.45
CA ALA C 82 -22.84 7.28 16.80
C ALA C 82 -21.58 7.34 17.65
N ASP C 83 -20.85 6.24 17.69
CA ASP C 83 -19.62 6.16 18.48
C ASP C 83 -18.40 6.58 17.66
N LEU C 84 -18.40 6.22 16.38
CA LEU C 84 -17.30 6.58 15.49
C LEU C 84 -17.85 7.12 14.17
N ALA C 85 -17.06 7.95 13.52
CA ALA C 85 -17.33 8.36 12.15
C ALA C 85 -16.15 7.96 11.26
N VAL C 86 -16.30 6.82 10.59
CA VAL C 86 -15.28 6.34 9.66
C VAL C 86 -15.69 6.65 8.24
N ALA C 87 -15.18 7.76 7.72
CA ALA C 87 -15.61 8.29 6.42
C ALA C 87 -14.59 9.31 5.95
N PRO C 88 -14.67 9.73 4.67
CA PRO C 88 -13.78 10.81 4.24
C PRO C 88 -14.15 12.15 4.89
N LEU C 89 -14.04 12.23 6.21
CA LEU C 89 -14.43 13.42 6.96
C LEU C 89 -13.25 14.37 7.11
N THR C 90 -13.36 15.55 6.51
CA THR C 90 -12.28 16.53 6.52
C THR C 90 -12.06 17.13 7.90
N ILE C 91 -10.80 17.13 8.34
CA ILE C 91 -10.42 17.72 9.62
C ILE C 91 -10.32 19.23 9.51
N THR C 92 -11.28 19.95 10.09
CA THR C 92 -11.30 21.40 10.03
C THR C 92 -11.44 22.03 11.42
N TYR C 93 -11.16 23.33 11.51
CA TYR C 93 -11.20 24.03 12.79
C TYR C 93 -12.58 24.00 13.43
N VAL C 94 -13.60 24.39 12.66
CA VAL C 94 -14.96 24.48 13.18
C VAL C 94 -15.49 23.13 13.66
N ARG C 95 -15.02 22.06 13.04
CA ARG C 95 -15.42 20.71 13.44
C ARG C 95 -14.66 20.23 14.66
N GLU C 96 -13.40 20.67 14.78
CA GLU C 96 -12.57 20.31 15.91
C GLU C 96 -13.04 20.98 17.20
N LYS C 97 -13.93 21.95 17.06
CA LYS C 97 -14.49 22.66 18.21
C LYS C 97 -15.57 21.83 18.90
N VAL C 98 -16.20 20.92 18.16
CA VAL C 98 -17.35 20.19 18.68
C VAL C 98 -17.19 18.67 18.70
N ILE C 99 -16.28 18.14 17.89
CA ILE C 99 -15.96 16.71 17.93
C ILE C 99 -14.45 16.50 17.92
N ASP C 100 -14.04 15.26 18.19
CA ASP C 100 -12.63 14.90 18.15
C ASP C 100 -12.27 14.20 16.84
N PHE C 101 -11.08 14.49 16.34
CA PHE C 101 -10.55 13.78 15.18
C PHE C 101 -9.31 13.00 15.58
N SER C 102 -9.10 11.85 14.94
CA SER C 102 -7.87 11.12 15.10
C SER C 102 -6.85 11.77 14.17
N LYS C 103 -5.61 11.28 14.23
CA LYS C 103 -4.61 11.63 13.24
C LYS C 103 -5.15 11.20 11.88
N PRO C 104 -4.94 12.03 10.84
CA PRO C 104 -5.42 11.72 9.49
C PRO C 104 -4.98 10.35 9.00
N PHE C 105 -5.92 9.56 8.47
CA PHE C 105 -5.59 8.28 7.87
C PHE C 105 -5.29 8.48 6.38
N MET C 106 -5.55 9.69 5.90
CA MET C 106 -5.31 10.01 4.50
C MET C 106 -5.07 11.50 4.31
N THR C 107 -4.01 11.83 3.57
CA THR C 107 -3.70 13.20 3.21
C THR C 107 -3.97 13.41 1.73
N LEU C 108 -4.72 14.47 1.41
CA LEU C 108 -4.99 14.80 0.01
C LEU C 108 -5.05 16.30 -0.22
N GLY C 109 -5.38 16.68 -1.45
CA GLY C 109 -5.48 18.09 -1.80
C GLY C 109 -5.53 18.27 -3.31
N ILE C 110 -5.12 19.46 -3.76
CA ILE C 110 -5.13 19.77 -5.19
C ILE C 110 -3.74 19.61 -5.78
N SER C 111 -3.66 18.95 -6.94
CA SER C 111 -2.39 18.84 -7.65
C SER C 111 -2.60 18.91 -9.16
N ILE C 112 -1.51 18.75 -9.91
CA ILE C 112 -1.51 18.94 -11.34
C ILE C 112 -1.41 17.63 -12.11
N LEU C 113 -2.29 17.44 -13.10
CA LEU C 113 -2.18 16.31 -14.01
C LEU C 113 -1.63 16.78 -15.34
N TYR C 114 -0.49 16.24 -15.74
CA TYR C 114 0.20 16.68 -16.95
C TYR C 114 1.00 15.54 -17.57
N ARG C 115 1.73 15.83 -18.64
CA ARG C 115 2.53 14.83 -19.35
C ARG C 115 3.84 14.53 -18.64
N LYS C 116 4.43 13.38 -18.97
CA LYS C 116 5.73 13.00 -18.43
C LYS C 116 6.86 13.64 -19.22
N GLY C 117 8.03 13.75 -18.60
CA GLY C 117 9.23 14.18 -19.29
C GLY C 117 9.39 15.68 -19.53
N THR C 118 8.43 16.47 -19.04
CA THR C 118 8.44 17.91 -19.27
C THR C 118 9.26 18.62 -18.18
N PRO C 119 9.76 19.83 -18.48
CA PRO C 119 10.53 20.60 -17.49
C PRO C 119 9.69 21.19 -16.36
N ILE C 120 8.37 20.99 -16.41
CA ILE C 120 7.47 21.52 -15.40
C ILE C 120 7.61 20.77 -14.08
N ASP C 121 7.81 21.51 -12.99
CA ASP C 121 8.05 20.89 -11.68
C ASP C 121 6.98 21.23 -10.64
N SER C 122 6.37 22.40 -10.76
CA SER C 122 5.44 22.85 -9.74
C SER C 122 4.33 23.73 -10.30
N ALA C 123 3.44 24.17 -9.41
CA ALA C 123 2.37 25.09 -9.79
C ALA C 123 2.94 26.47 -10.09
N ASP C 124 4.04 26.81 -9.42
CA ASP C 124 4.71 28.08 -9.62
C ASP C 124 5.19 28.24 -11.06
N ASP C 125 5.62 27.15 -11.66
CA ASP C 125 6.10 27.18 -13.03
C ASP C 125 4.98 27.48 -14.02
N LEU C 126 3.81 26.89 -13.79
CA LEU C 126 2.66 27.15 -14.66
C LEU C 126 2.20 28.60 -14.53
N ALA C 127 2.23 29.12 -13.31
CA ALA C 127 1.73 30.47 -13.02
C ALA C 127 2.57 31.56 -13.67
N LYS C 128 3.85 31.27 -13.91
CA LYS C 128 4.76 32.27 -14.46
C LYS C 128 4.93 32.13 -15.97
N GLN C 129 4.01 31.41 -16.61
CA GLN C 129 4.01 31.28 -18.07
C GLN C 129 2.60 31.13 -18.61
N THR C 130 2.46 31.06 -19.93
CA THR C 130 1.15 31.10 -20.55
C THR C 130 0.95 30.13 -21.73
N LYS C 131 2.04 29.66 -22.32
CA LYS C 131 1.97 28.77 -23.49
C LYS C 131 1.18 27.51 -23.15
N ILE C 132 1.56 26.87 -22.05
CA ILE C 132 0.82 25.71 -21.55
C ILE C 132 -0.39 26.20 -20.76
N GLU C 133 -1.58 25.87 -21.25
CA GLU C 133 -2.82 26.28 -20.58
C GLU C 133 -3.14 25.34 -19.42
N TYR C 134 -3.83 25.87 -18.41
CA TYR C 134 -4.19 25.09 -17.23
C TYR C 134 -5.51 25.57 -16.63
N GLY C 135 -6.25 24.65 -16.03
CA GLY C 135 -7.53 24.97 -15.42
C GLY C 135 -8.09 23.82 -14.60
N ALA C 136 -9.39 23.86 -14.33
CA ALA C 136 -10.05 22.84 -13.53
C ALA C 136 -11.51 22.72 -13.93
N VAL C 137 -12.21 21.71 -13.41
CA VAL C 137 -13.62 21.56 -13.70
C VAL C 137 -14.39 22.70 -13.01
N ARG C 138 -15.37 23.26 -13.71
CA ARG C 138 -16.04 24.47 -13.21
C ARG C 138 -16.91 24.20 -11.98
N ASP C 139 -16.82 25.10 -11.01
CA ASP C 139 -17.56 25.01 -9.75
C ASP C 139 -17.33 23.70 -8.99
N GLY C 140 -16.17 23.09 -9.22
CA GLY C 140 -15.75 21.95 -8.42
C GLY C 140 -15.08 22.48 -7.16
N SER C 141 -14.68 21.56 -6.28
CA SER C 141 -14.03 21.96 -5.03
C SER C 141 -12.67 22.61 -5.32
N THR C 142 -12.01 22.14 -6.36
CA THR C 142 -10.72 22.69 -6.77
C THR C 142 -10.87 24.13 -7.24
N MET C 143 -11.91 24.40 -8.04
CA MET C 143 -12.18 25.76 -8.50
C MET C 143 -12.50 26.70 -7.34
N THR C 144 -13.33 26.21 -6.42
CA THR C 144 -13.77 27.01 -5.27
C THR C 144 -12.58 27.49 -4.45
N PHE C 145 -11.55 26.66 -4.37
CA PHE C 145 -10.33 27.04 -3.66
C PHE C 145 -9.67 28.27 -4.28
N PHE C 146 -9.27 28.16 -5.54
CA PHE C 146 -8.56 29.23 -6.24
C PHE C 146 -9.32 30.56 -6.23
N LYS C 147 -10.65 30.48 -6.29
CA LYS C 147 -11.49 31.66 -6.19
C LYS C 147 -11.33 32.34 -4.84
N LYS C 148 -11.72 31.62 -3.79
CA LYS C 148 -11.69 32.14 -2.43
C LYS C 148 -10.27 32.05 -1.83
N SER C 149 -9.26 31.99 -2.69
CA SER C 149 -7.87 31.97 -2.23
C SER C 149 -7.27 33.36 -2.22
N LYS C 150 -6.82 33.82 -1.06
CA LYS C 150 -6.11 35.09 -0.98
C LYS C 150 -4.59 34.87 -0.96
N ILE C 151 -4.16 33.86 -1.71
CA ILE C 151 -2.74 33.66 -1.99
C ILE C 151 -2.50 34.02 -3.46
N SER C 152 -1.71 35.08 -3.68
CA SER C 152 -1.57 35.69 -5.00
C SER C 152 -1.13 34.74 -6.11
N THR C 153 -0.23 33.81 -5.78
CA THR C 153 0.24 32.83 -6.75
C THR C 153 -0.91 31.97 -7.27
N TYR C 154 -1.89 31.74 -6.39
CA TYR C 154 -3.08 31.00 -6.79
C TYR C 154 -4.13 31.95 -7.36
N GLU C 155 -4.09 33.20 -6.91
CA GLU C 155 -4.95 34.24 -7.47
C GLU C 155 -4.58 34.49 -8.93
N LYS C 156 -3.27 34.54 -9.21
CA LYS C 156 -2.79 34.79 -10.55
C LYS C 156 -3.15 33.61 -11.47
N MET C 157 -3.17 32.41 -10.90
CA MET C 157 -3.56 31.23 -11.66
C MET C 157 -5.05 31.30 -11.95
N TRP C 158 -5.82 31.68 -10.93
CA TRP C 158 -7.26 31.84 -11.08
C TRP C 158 -7.60 32.92 -12.10
N ALA C 159 -6.75 33.95 -12.16
CA ALA C 159 -6.93 35.02 -13.13
C ALA C 159 -6.79 34.49 -14.56
N PHE C 160 -5.93 33.50 -14.73
CA PHE C 160 -5.70 32.89 -16.03
C PHE C 160 -6.79 31.89 -16.38
N MET C 161 -7.32 31.22 -15.37
CA MET C 161 -8.41 30.26 -15.57
C MET C 161 -9.71 30.99 -15.88
N SER C 162 -9.79 32.25 -15.45
CA SER C 162 -10.98 33.05 -15.65
C SER C 162 -11.04 33.65 -17.05
N SER C 163 -9.90 33.73 -17.72
CA SER C 163 -9.82 34.28 -19.06
C SER C 163 -10.35 33.32 -20.10
N SER C 167 -12.88 29.16 -20.37
CA SER C 167 -12.20 28.51 -21.47
C SER C 167 -11.19 27.48 -20.96
N ALA C 168 -10.36 27.92 -20.01
CA ALA C 168 -9.38 27.04 -19.38
C ALA C 168 -10.08 26.03 -18.48
N LEU C 169 -11.32 26.34 -18.11
CA LEU C 169 -12.13 25.45 -17.29
C LEU C 169 -12.82 24.39 -18.15
N VAL C 170 -13.16 23.27 -17.53
CA VAL C 170 -13.85 22.19 -18.23
C VAL C 170 -15.14 21.81 -17.50
N LYS C 171 -15.96 20.99 -18.14
CA LYS C 171 -17.25 20.60 -17.58
C LYS C 171 -17.10 19.57 -16.46
N ASN C 172 -16.54 18.41 -16.79
CA ASN C 172 -16.33 17.36 -15.81
C ASN C 172 -14.90 16.84 -15.83
N SER C 173 -14.59 15.93 -14.91
CA SER C 173 -13.26 15.35 -14.83
C SER C 173 -12.93 14.56 -16.09
N ASP C 174 -13.96 14.02 -16.73
CA ASP C 174 -13.77 13.21 -17.93
C ASP C 174 -13.33 14.03 -19.14
N GLU C 175 -13.83 15.26 -19.24
CA GLU C 175 -13.41 16.14 -20.33
C GLU C 175 -11.98 16.62 -20.08
N GLY C 176 -11.69 16.97 -18.84
CA GLY C 176 -10.37 17.44 -18.46
C GLY C 176 -9.28 16.42 -18.74
N ILE C 177 -9.59 15.15 -18.52
CA ILE C 177 -8.65 14.07 -18.80
C ILE C 177 -8.26 14.04 -20.27
N GLN C 178 -9.25 14.01 -21.14
CA GLN C 178 -8.99 13.95 -22.58
C GLN C 178 -8.36 15.24 -23.10
N ARG C 179 -8.74 16.37 -22.53
CA ARG C 179 -8.17 17.65 -22.93
C ARG C 179 -6.66 17.69 -22.65
N VAL C 180 -6.25 17.01 -21.58
CA VAL C 180 -4.84 16.88 -21.27
C VAL C 180 -4.14 15.97 -22.27
N LEU C 181 -4.76 14.82 -22.53
CA LEU C 181 -4.20 13.82 -23.44
C LEU C 181 -3.99 14.37 -24.85
N THR C 182 -4.88 15.25 -25.27
CA THR C 182 -4.94 15.68 -26.66
C THR C 182 -4.26 17.04 -26.91
N THR C 183 -4.32 17.92 -25.93
CA THR C 183 -3.78 19.26 -26.08
C THR C 183 -2.69 19.54 -25.05
N ASP C 184 -1.94 20.62 -25.27
CA ASP C 184 -0.94 21.05 -24.31
C ASP C 184 -1.65 21.68 -23.12
N TYR C 185 -2.13 20.82 -22.22
CA TYR C 185 -3.02 21.26 -21.15
C TYR C 185 -2.69 20.57 -19.83
N ALA C 186 -2.66 21.35 -18.75
CA ALA C 186 -2.44 20.82 -17.41
C ALA C 186 -3.73 20.90 -16.60
N LEU C 187 -4.14 19.78 -16.02
CA LEU C 187 -5.39 19.72 -15.29
C LEU C 187 -5.19 19.81 -13.78
N LEU C 188 -5.84 20.79 -13.16
CA LEU C 188 -5.80 20.95 -11.71
C LEU C 188 -7.00 20.25 -11.08
N MET C 189 -6.74 19.20 -10.31
CA MET C 189 -7.81 18.46 -9.66
C MET C 189 -7.37 17.82 -8.34
N GLU C 190 -8.31 17.20 -7.66
CA GLU C 190 -8.05 16.50 -6.42
C GLU C 190 -7.06 15.36 -6.64
N SER C 191 -6.14 15.18 -5.69
CA SER C 191 -5.09 14.19 -5.81
C SER C 191 -5.62 12.76 -5.90
N THR C 192 -6.78 12.52 -5.30
CA THR C 192 -7.40 11.20 -5.36
C THR C 192 -7.83 10.86 -6.79
N SER C 193 -8.42 11.84 -7.47
CA SER C 193 -8.87 11.65 -8.84
C SER C 193 -7.68 11.51 -9.79
N ILE C 194 -6.55 12.08 -9.40
CA ILE C 194 -5.33 12.00 -10.22
C ILE C 194 -4.75 10.60 -10.19
N GLU C 195 -4.57 10.05 -8.99
CA GLU C 195 -4.06 8.69 -8.80
C GLU C 195 -4.90 7.69 -9.60
N TYR C 196 -6.20 7.96 -9.67
CA TYR C 196 -7.12 7.20 -10.50
C TYR C 196 -6.69 7.24 -11.97
N VAL C 197 -6.54 8.45 -12.49
CA VAL C 197 -6.24 8.67 -13.91
C VAL C 197 -4.87 8.13 -14.33
N THR C 198 -3.84 8.44 -13.54
CA THR C 198 -2.47 8.07 -13.90
C THR C 198 -2.25 6.55 -13.96
N GLN C 199 -3.11 5.80 -13.30
CA GLN C 199 -3.04 4.35 -13.36
C GLN C 199 -3.65 3.82 -14.65
N ARG C 200 -4.59 4.58 -15.21
CA ARG C 200 -5.27 4.20 -16.44
C ARG C 200 -4.64 4.85 -17.67
N ASN C 201 -3.76 5.82 -17.43
CA ASN C 201 -3.05 6.49 -18.51
C ASN C 201 -1.56 6.63 -18.18
N CYS C 202 -0.74 5.77 -18.76
CA CYS C 202 0.68 5.68 -18.41
C CYS C 202 1.53 6.85 -18.90
N ASN C 203 0.99 7.66 -19.80
CA ASN C 203 1.73 8.79 -20.33
C ASN C 203 1.50 10.07 -19.53
N LEU C 204 0.57 10.02 -18.59
CA LEU C 204 0.29 11.16 -17.73
C LEU C 204 0.92 10.97 -16.35
N THR C 205 1.03 12.07 -15.60
CA THR C 205 1.65 12.02 -14.28
C THR C 205 1.20 13.19 -13.42
N GLN C 206 1.42 13.08 -12.12
CA GLN C 206 1.18 14.19 -11.21
C GLN C 206 2.43 15.07 -11.14
N ILE C 207 2.24 16.37 -11.25
CA ILE C 207 3.35 17.31 -11.18
C ILE C 207 3.37 18.04 -9.84
N GLY C 208 4.47 17.90 -9.11
CA GLY C 208 4.64 18.57 -7.84
C GLY C 208 3.86 17.94 -6.70
N GLY C 209 3.70 18.70 -5.62
CA GLY C 209 3.03 18.21 -4.44
C GLY C 209 1.58 18.65 -4.34
N LEU C 210 1.08 18.74 -3.11
CA LEU C 210 -0.31 19.07 -2.86
C LEU C 210 -0.54 20.55 -2.59
N ILE C 211 -1.63 21.08 -3.17
CA ILE C 211 -2.07 22.44 -2.91
C ILE C 211 -3.41 22.34 -2.19
N ASP C 212 -3.62 23.20 -1.19
CA ASP C 212 -4.81 23.13 -0.35
C ASP C 212 -4.87 21.76 0.31
N SER C 213 -3.77 21.35 0.92
CA SER C 213 -3.67 20.04 1.54
C SER C 213 -4.58 19.92 2.76
N LYS C 214 -5.24 18.78 2.87
CA LYS C 214 -6.13 18.52 3.99
C LYS C 214 -6.08 17.05 4.39
N GLY C 215 -6.70 16.72 5.53
CA GLY C 215 -6.67 15.37 6.03
C GLY C 215 -8.03 14.81 6.40
N TYR C 216 -8.21 13.51 6.17
CA TYR C 216 -9.40 12.81 6.62
C TYR C 216 -9.09 12.07 7.90
N GLY C 217 -9.83 12.37 8.96
CA GLY C 217 -9.63 11.70 10.24
C GLY C 217 -10.87 10.98 10.71
N VAL C 218 -10.68 10.04 11.63
CA VAL C 218 -11.81 9.33 12.24
C VAL C 218 -12.43 10.22 13.30
N GLY C 219 -13.75 10.39 13.23
CA GLY C 219 -14.47 11.26 14.15
C GLY C 219 -15.02 10.53 15.36
N THR C 220 -14.86 11.14 16.52
CA THR C 220 -15.42 10.63 17.77
C THR C 220 -16.07 11.77 18.54
N PRO C 221 -17.08 11.46 19.37
CA PRO C 221 -17.65 12.48 20.25
C PRO C 221 -16.58 12.97 21.22
N ILE C 222 -16.62 14.24 21.61
CA ILE C 222 -15.67 14.76 22.59
C ILE C 222 -15.79 14.00 23.90
N GLY C 223 -14.66 13.53 24.42
CA GLY C 223 -14.65 12.78 25.66
C GLY C 223 -14.75 11.28 25.45
N SER C 224 -14.65 10.85 24.20
CA SER C 224 -14.71 9.43 23.86
C SER C 224 -13.46 8.70 24.34
N PRO C 225 -13.64 7.49 24.90
CA PRO C 225 -12.52 6.67 25.38
C PRO C 225 -11.82 5.91 24.27
N TYR C 226 -12.29 6.08 23.03
CA TYR C 226 -11.68 5.41 21.88
C TYR C 226 -10.72 6.32 21.13
N ARG C 227 -10.74 7.60 21.49
CA ARG C 227 -9.97 8.63 20.80
CA ARG C 227 -9.96 8.63 20.80
C ARG C 227 -8.50 8.25 20.66
N ASP C 228 -7.78 8.22 21.78
CA ASP C 228 -6.35 7.93 21.77
C ASP C 228 -6.02 6.56 21.16
N LYS C 229 -6.88 5.58 21.40
CA LYS C 229 -6.69 4.25 20.85
C LYS C 229 -6.72 4.26 19.32
N ILE C 230 -7.65 5.02 18.76
CA ILE C 230 -7.78 5.13 17.30
C ILE C 230 -6.55 5.79 16.69
N THR C 231 -6.11 6.89 17.29
CA THR C 231 -4.91 7.60 16.83
C THR C 231 -3.69 6.68 16.83
N ILE C 232 -3.53 5.92 17.90
CA ILE C 232 -2.42 4.97 18.02
C ILE C 232 -2.49 3.88 16.95
N ALA C 233 -3.71 3.39 16.69
CA ALA C 233 -3.93 2.36 15.69
C ALA C 233 -3.58 2.86 14.29
N ILE C 234 -4.01 4.08 13.97
CA ILE C 234 -3.74 4.67 12.66
C ILE C 234 -2.24 4.88 12.45
N LEU C 235 -1.56 5.36 13.49
CA LEU C 235 -0.11 5.49 13.46
C LEU C 235 0.54 4.14 13.18
N GLN C 236 0.06 3.11 13.88
CA GLN C 236 0.54 1.74 13.66
C GLN C 236 0.30 1.29 12.22
N LEU C 237 -0.88 1.61 11.69
CA LEU C 237 -1.25 1.19 10.34
C LEU C 237 -0.42 1.85 9.25
N GLN C 238 -0.20 3.16 9.34
CA GLN C 238 0.57 3.87 8.32
C GLN C 238 2.05 3.56 8.37
N GLU C 239 2.58 3.37 9.58
CA GLU C 239 3.99 3.05 9.75
C GLU C 239 4.26 1.61 9.34
N GLU C 240 3.22 0.78 9.41
CA GLU C 240 3.28 -0.57 8.88
C GLU C 240 3.10 -0.55 7.37
N GLY C 241 2.66 0.59 6.85
CA GLY C 241 2.46 0.77 5.43
C GLY C 241 1.16 0.16 4.93
N LYS C 242 0.26 -0.15 5.85
CA LYS C 242 -1.01 -0.78 5.50
C LYS C 242 -2.01 0.21 4.92
N LEU C 243 -1.90 1.48 5.32
CA LEU C 243 -2.77 2.52 4.78
C LEU C 243 -2.47 2.77 3.30
N HIS C 244 -1.18 2.71 2.96
CA HIS C 244 -0.77 2.84 1.56
C HIS C 244 -1.30 1.69 0.74
N MET C 245 -1.21 0.48 1.30
CA MET C 245 -1.69 -0.72 0.63
C MET C 245 -3.20 -0.65 0.40
N MET C 246 -3.92 -0.13 1.39
CA MET C 246 -5.37 0.02 1.28
C MET C 246 -5.74 0.99 0.16
N LYS C 247 -4.93 2.03 -0.01
CA LYS C 247 -5.19 3.04 -1.03
C LYS C 247 -5.07 2.46 -2.44
N GLU C 248 -3.97 1.75 -2.70
CA GLU C 248 -3.74 1.17 -4.02
C GLU C 248 -4.78 0.09 -4.33
N LYS C 249 -5.33 -0.50 -3.28
CA LYS C 249 -6.35 -1.54 -3.43
C LYS C 249 -7.65 -0.98 -3.96
N TRP C 250 -7.99 0.24 -3.53
CA TRP C 250 -9.27 0.85 -3.88
C TRP C 250 -9.15 1.93 -4.95
N TRP C 251 -7.93 2.28 -5.32
CA TRP C 251 -7.69 3.22 -6.40
C TRP C 251 -6.92 2.55 -7.53
#